data_6YVJ
#
_entry.id   6YVJ
#
_cell.length_a   87.020
_cell.length_b   89.870
_cell.length_c   99.140
_cell.angle_alpha   90.000
_cell.angle_beta   90.000
_cell.angle_gamma   90.000
#
_symmetry.space_group_name_H-M   'P 21 21 21'
#
loop_
_entity.id
_entity.type
_entity.pdbx_description
1 polymer 'Polycomb protein EED'
2 non-polymer N-(2,3-dihydro-1-benzofuran-4-ylmethyl)-8-(4-methylsulfonylphenyl)-[1,2,4]triazolo[4,3-c]pyrimidin-5-amine
3 non-polymer GLYCEROL
4 non-polymer N-[(5-fluoranyl-2,3-dihydro-1-benzofuran-4-yl)methyl]-8-(2-methylpyridin-3-yl)-[1,2,4]triazolo[4,3-c]pyrimidin-5-amine
5 water water
#
_entity_poly.entity_id   1
_entity_poly.type   'polypeptide(L)'
_entity_poly.pdbx_seq_one_letter_code
;KKCKYSFKCVNSLKEDHNQPLFGVQFNWHSKEGDPLVFATVGSNRVTLYECHSQGEIRLLQSYVDADADENFYTCAWTYD
SNTSHPLLAVAGSRGIIRIINPITMQCIKHYVGHGNAINELKFHPRDPNLLLSVSKDHALRLWNIQTDTLVAIFGGVEGH
RDEVLSADYDLLGEKIMSCGMDHSLKLWRINSKRMMNAIKESYDYNPNKTNRPFISQKIHFPDFSTRDIHRNYVDCVRWL
GDLILSKSCENAIVCWKPGKMEDDIDKIKPSESNVTILGRFDYSQCDIWYMRFSMDFWQKMLALGNQVGKLYVWDLEVED
PHKAKCTTLTHHKCGAAIRQTSFSRDSSILIAVCDDASIWRWDRLR
;
_entity_poly.pdbx_strand_id   A,B
#
loop_
_chem_comp.id
_chem_comp.type
_chem_comp.name
_chem_comp.formula
EJR non-polymer N-[(5-fluoranyl-2,3-dihydro-1-benzofuran-4-yl)methyl]-8-(2-methylpyridin-3-yl)-[1,2,4]triazolo[4,3-c]pyrimidin-5-amine 'C20 H17 F N6 O'
GOL non-polymer GLYCEROL 'C3 H8 O3'
L9W non-polymer N-(2,3-dihydro-1-benzofuran-4-ylmethyl)-8-(4-methylsulfonylphenyl)-[1,2,4]triazolo[4,3-c]pyrimidin-5-amine 'C21 H19 N5 O3 S'
#
# COMPACT_ATOMS: atom_id res chain seq x y z
N PHE A 7 11.29 8.66 22.60
CA PHE A 7 12.26 7.63 22.20
C PHE A 7 13.26 8.16 21.16
N LYS A 8 14.53 7.73 21.27
CA LYS A 8 15.61 8.08 20.35
C LYS A 8 16.34 6.81 19.91
N CYS A 9 16.73 6.71 18.62
CA CYS A 9 17.45 5.53 18.10
C CYS A 9 18.91 5.59 18.57
N VAL A 10 19.33 4.61 19.38
CA VAL A 10 20.68 4.59 19.96
C VAL A 10 21.61 3.56 19.32
N ASN A 11 21.07 2.58 18.58
CA ASN A 11 21.87 1.52 17.93
C ASN A 11 21.06 0.73 16.92
N SER A 12 21.79 0.00 16.04
CA SER A 12 21.27 -0.93 15.03
C SER A 12 22.36 -1.93 14.63
N LEU A 13 21.94 -3.14 14.23
CA LEU A 13 22.84 -4.19 13.76
C LEU A 13 22.13 -5.11 12.77
N LYS A 14 22.87 -5.95 12.05
CA LYS A 14 22.32 -6.89 11.07
C LYS A 14 22.88 -8.29 11.32
N GLU A 15 22.01 -9.32 11.29
CA GLU A 15 22.42 -10.70 11.49
C GLU A 15 22.99 -11.25 10.17
N ASP A 16 24.12 -12.00 10.25
CA ASP A 16 24.87 -12.53 9.10
C ASP A 16 24.07 -13.44 8.13
N HIS A 17 22.96 -14.06 8.58
CA HIS A 17 22.17 -14.95 7.73
C HIS A 17 21.41 -14.22 6.61
N ASN A 18 21.16 -12.90 6.78
CA ASN A 18 20.47 -11.99 5.85
C ASN A 18 19.03 -12.41 5.50
N GLN A 19 18.39 -13.22 6.37
CA GLN A 19 17.00 -13.67 6.18
C GLN A 19 16.06 -12.82 7.08
N PRO A 20 14.75 -12.71 6.78
CA PRO A 20 13.86 -11.94 7.66
C PRO A 20 13.79 -12.44 9.11
N LEU A 21 13.65 -11.49 10.04
CA LEU A 21 13.46 -11.80 11.46
C LEU A 21 11.95 -11.66 11.73
N PHE A 22 11.31 -12.78 12.15
CA PHE A 22 9.86 -12.81 12.35
C PHE A 22 9.42 -12.65 13.81
N GLY A 23 10.37 -12.76 14.74
CA GLY A 23 10.06 -12.63 16.16
C GLY A 23 11.15 -12.01 17.01
N VAL A 24 10.71 -11.30 18.07
CA VAL A 24 11.57 -10.70 19.09
C VAL A 24 10.83 -10.68 20.44
N GLN A 25 11.52 -11.10 21.52
CA GLN A 25 10.95 -11.10 22.89
C GLN A 25 12.03 -10.77 23.92
N PHE A 26 11.81 -9.73 24.74
CA PHE A 26 12.65 -9.47 25.91
C PHE A 26 12.26 -10.51 26.97
N ASN A 27 13.23 -10.93 27.81
CA ASN A 27 12.96 -11.86 28.91
C ASN A 27 12.42 -11.03 30.09
N TRP A 28 11.11 -11.10 30.35
CA TRP A 28 10.50 -10.34 31.45
C TRP A 28 10.66 -11.01 32.84
N HIS A 29 11.34 -12.17 32.91
CA HIS A 29 11.57 -12.92 34.18
C HIS A 29 12.92 -12.68 34.88
N SER A 30 13.73 -11.71 34.42
CA SER A 30 15.03 -11.39 35.05
C SER A 30 14.92 -10.30 36.14
N LYS A 31 15.64 -10.48 37.28
CA LYS A 31 15.63 -9.54 38.42
C LYS A 31 16.35 -8.21 38.13
N GLU A 32 16.06 -7.16 38.93
CA GLU A 32 16.71 -5.84 38.83
C GLU A 32 18.18 -6.01 39.21
N GLY A 33 19.06 -5.43 38.40
CA GLY A 33 20.52 -5.56 38.57
C GLY A 33 21.09 -6.68 37.72
N ASP A 34 20.22 -7.63 37.32
CA ASP A 34 20.56 -8.75 36.45
C ASP A 34 20.51 -8.30 34.96
N PRO A 35 21.19 -9.01 34.05
CA PRO A 35 21.24 -8.60 32.62
C PRO A 35 19.91 -8.46 31.88
N LEU A 36 19.75 -7.37 31.07
CA LEU A 36 18.58 -7.11 30.22
C LEU A 36 18.79 -7.90 28.94
N VAL A 37 18.04 -9.00 28.75
CA VAL A 37 18.23 -9.90 27.60
C VAL A 37 16.97 -10.03 26.71
N PHE A 38 17.20 -10.11 25.37
CA PHE A 38 16.17 -10.37 24.36
C PHE A 38 16.62 -11.43 23.38
N ALA A 39 15.65 -12.19 22.82
CA ALA A 39 15.87 -13.24 21.82
C ALA A 39 15.23 -12.83 20.48
N THR A 40 15.88 -13.20 19.35
CA THR A 40 15.37 -12.95 18.00
C THR A 40 15.26 -14.30 17.28
N VAL A 41 14.26 -14.46 16.38
CA VAL A 41 14.10 -15.69 15.59
C VAL A 41 13.95 -15.35 14.10
N GLY A 42 14.73 -16.06 13.29
CA GLY A 42 14.77 -15.89 11.85
C GLY A 42 15.58 -17.02 11.24
N SER A 43 15.26 -17.39 9.98
CA SER A 43 15.90 -18.53 9.28
C SER A 43 15.75 -19.77 10.20
N ASN A 44 16.82 -20.58 10.42
CA ASN A 44 16.81 -21.73 11.35
C ASN A 44 17.54 -21.34 12.64
N ARG A 45 17.48 -20.04 13.02
CA ARG A 45 18.23 -19.51 14.16
C ARG A 45 17.42 -18.89 15.28
N VAL A 46 18.01 -18.91 16.49
CA VAL A 46 17.57 -18.26 17.72
C VAL A 46 18.82 -17.60 18.28
N THR A 47 18.81 -16.27 18.47
CA THR A 47 20.00 -15.54 18.95
C THR A 47 19.67 -14.72 20.20
N LEU A 48 20.57 -14.75 21.22
CA LEU A 48 20.40 -14.00 22.46
C LEU A 48 21.32 -12.79 22.49
N TYR A 49 20.79 -11.63 22.94
CA TYR A 49 21.53 -10.38 23.06
C TYR A 49 21.32 -9.75 24.42
N GLU A 50 22.33 -9.01 24.90
CA GLU A 50 22.26 -8.25 26.15
C GLU A 50 22.31 -6.74 25.85
N CYS A 51 21.41 -5.96 26.49
CA CYS A 51 21.34 -4.51 26.38
C CYS A 51 22.16 -3.86 27.51
N HIS A 52 23.20 -3.11 27.13
CA HIS A 52 24.08 -2.40 28.07
C HIS A 52 23.84 -0.88 27.94
N SER A 53 24.46 -0.09 28.83
CA SER A 53 24.36 1.37 28.82
C SER A 53 25.01 1.97 27.55
N GLN A 54 24.65 3.23 27.22
CA GLN A 54 25.12 3.98 26.05
C GLN A 54 24.76 3.31 24.70
N GLY A 55 23.63 2.60 24.70
CA GLY A 55 23.09 1.92 23.52
C GLY A 55 23.74 0.62 23.10
N GLU A 56 24.79 0.17 23.83
CA GLU A 56 25.52 -1.07 23.51
C GLU A 56 24.63 -2.33 23.53
N ILE A 57 24.74 -3.14 22.45
CA ILE A 57 24.05 -4.44 22.30
C ILE A 57 25.16 -5.49 22.16
N ARG A 58 25.20 -6.45 23.08
CA ARG A 58 26.21 -7.50 23.08
C ARG A 58 25.62 -8.85 22.69
N LEU A 59 26.23 -9.51 21.69
CA LEU A 59 25.82 -10.82 21.22
C LEU A 59 26.24 -11.87 22.28
N LEU A 60 25.26 -12.63 22.82
CA LEU A 60 25.55 -13.63 23.86
C LEU A 60 25.82 -15.02 23.30
N GLN A 61 24.81 -15.63 22.65
CA GLN A 61 24.90 -16.97 22.08
C GLN A 61 23.85 -17.17 21.00
N SER A 62 24.04 -18.19 20.16
CA SER A 62 23.13 -18.52 19.09
C SER A 62 22.87 -20.03 19.01
N TYR A 63 21.62 -20.38 18.73
CA TYR A 63 21.20 -21.76 18.52
C TYR A 63 20.89 -21.89 17.03
N VAL A 64 21.65 -22.74 16.33
CA VAL A 64 21.49 -23.03 14.91
C VAL A 64 20.88 -24.44 14.84
N ASP A 65 19.66 -24.57 14.29
CA ASP A 65 18.98 -25.86 14.19
C ASP A 65 19.69 -26.81 13.21
N ALA A 66 19.73 -28.11 13.55
CA ALA A 66 20.36 -29.16 12.72
C ALA A 66 19.72 -29.23 11.31
N ASP A 67 18.42 -28.92 11.21
CA ASP A 67 17.68 -28.87 9.96
C ASP A 67 17.89 -27.49 9.32
N ALA A 68 18.51 -27.46 8.14
CA ALA A 68 18.80 -26.22 7.39
C ALA A 68 17.53 -25.60 6.79
N ASP A 69 16.48 -26.41 6.54
CA ASP A 69 15.23 -25.95 5.95
C ASP A 69 14.15 -25.51 6.99
N GLU A 70 14.47 -25.56 8.30
CA GLU A 70 13.56 -25.07 9.35
C GLU A 70 13.50 -23.53 9.26
N ASN A 71 12.29 -22.97 9.44
CA ASN A 71 12.05 -21.53 9.47
C ASN A 71 11.32 -21.20 10.76
N PHE A 72 12.03 -20.63 11.77
CA PHE A 72 11.39 -20.26 13.05
C PHE A 72 10.51 -19.01 12.89
N TYR A 73 9.27 -19.08 13.41
CA TYR A 73 8.29 -17.99 13.30
C TYR A 73 7.97 -17.31 14.63
N THR A 74 8.22 -18.01 15.76
CA THR A 74 7.85 -17.52 17.10
C THR A 74 8.78 -18.04 18.21
N CYS A 75 8.85 -17.29 19.32
CA CYS A 75 9.56 -17.68 20.54
C CYS A 75 8.88 -17.09 21.77
N ALA A 76 9.08 -17.72 22.95
CA ALA A 76 8.47 -17.30 24.23
C ALA A 76 9.33 -17.76 25.42
N TRP A 77 9.46 -16.89 26.44
CA TRP A 77 10.23 -17.16 27.65
C TRP A 77 9.35 -17.73 28.77
N THR A 78 9.96 -18.57 29.62
CA THR A 78 9.40 -19.10 30.85
C THR A 78 10.54 -19.33 31.86
N TYR A 79 10.21 -19.93 33.00
CA TYR A 79 11.17 -20.28 34.03
C TYR A 79 10.84 -21.66 34.59
N ASP A 80 11.85 -22.33 35.15
CA ASP A 80 11.71 -23.64 35.79
C ASP A 80 11.02 -23.38 37.14
N SER A 81 9.89 -24.03 37.40
CA SER A 81 9.11 -23.84 38.63
C SER A 81 9.85 -24.22 39.94
N ASN A 82 10.96 -25.01 39.86
CA ASN A 82 11.74 -25.43 41.04
C ASN A 82 12.99 -24.58 41.27
N THR A 83 13.71 -24.18 40.21
CA THR A 83 14.97 -23.41 40.33
C THR A 83 14.86 -21.93 39.96
N SER A 84 13.76 -21.52 39.27
CA SER A 84 13.52 -20.16 38.76
C SER A 84 14.50 -19.79 37.61
N HIS A 85 15.23 -20.78 37.07
CA HIS A 85 16.16 -20.61 35.96
C HIS A 85 15.41 -20.39 34.64
N PRO A 86 15.87 -19.47 33.75
CA PRO A 86 15.13 -19.23 32.50
C PRO A 86 15.11 -20.40 31.52
N LEU A 87 14.05 -20.45 30.68
CA LEU A 87 13.86 -21.43 29.62
C LEU A 87 13.26 -20.70 28.41
N LEU A 88 13.60 -21.14 27.19
CA LEU A 88 13.12 -20.51 25.96
C LEU A 88 12.53 -21.53 24.99
N ALA A 89 11.26 -21.34 24.59
CA ALA A 89 10.57 -22.21 23.63
C ALA A 89 10.56 -21.53 22.26
N VAL A 90 10.80 -22.33 21.19
CA VAL A 90 10.85 -21.85 19.79
C VAL A 90 10.11 -22.83 18.88
N ALA A 91 9.51 -22.33 17.77
CA ALA A 91 8.80 -23.15 16.77
C ALA A 91 8.62 -22.39 15.44
N GLY A 92 8.34 -23.14 14.38
CA GLY A 92 8.09 -22.57 13.06
C GLY A 92 7.53 -23.55 12.04
N SER A 93 8.05 -23.47 10.79
CA SER A 93 7.59 -24.26 9.63
C SER A 93 7.53 -25.78 9.84
N ARG A 94 8.47 -26.38 10.61
CA ARG A 94 8.46 -27.83 10.84
C ARG A 94 7.37 -28.34 11.79
N GLY A 95 6.71 -27.43 12.52
CA GLY A 95 5.66 -27.77 13.47
C GLY A 95 6.15 -28.52 14.69
N ILE A 96 7.42 -28.30 15.06
CA ILE A 96 8.07 -28.92 16.21
C ILE A 96 8.45 -27.84 17.24
N ILE A 97 8.04 -28.05 18.51
CA ILE A 97 8.37 -27.14 19.60
C ILE A 97 9.71 -27.60 20.19
N ARG A 98 10.65 -26.68 20.34
CA ARG A 98 11.96 -26.94 20.92
C ARG A 98 12.11 -26.11 22.18
N ILE A 99 12.53 -26.76 23.28
CA ILE A 99 12.79 -26.13 24.56
C ILE A 99 14.32 -25.99 24.67
N ILE A 100 14.80 -24.75 24.79
CA ILE A 100 16.22 -24.40 24.84
C ILE A 100 16.62 -23.89 26.23
N ASN A 101 17.79 -24.34 26.71
CA ASN A 101 18.42 -23.88 27.94
C ASN A 101 19.18 -22.59 27.52
N PRO A 102 18.76 -21.37 27.94
CA PRO A 102 19.43 -20.14 27.45
C PRO A 102 20.86 -19.90 27.96
N ILE A 103 21.30 -20.61 29.01
CA ILE A 103 22.66 -20.46 29.56
C ILE A 103 23.69 -21.12 28.63
N THR A 104 23.40 -22.35 28.17
CA THR A 104 24.27 -23.16 27.31
C THR A 104 23.87 -23.12 25.82
N MET A 105 22.64 -22.63 25.55
CA MET A 105 21.99 -22.51 24.22
C MET A 105 21.77 -23.88 23.55
N GLN A 106 21.65 -24.94 24.38
CA GLN A 106 21.43 -26.32 23.96
C GLN A 106 19.96 -26.72 24.08
N CYS A 107 19.49 -27.57 23.14
CA CYS A 107 18.11 -28.07 23.12
C CYS A 107 17.91 -29.14 24.20
N ILE A 108 17.01 -28.88 25.15
CA ILE A 108 16.67 -29.78 26.26
C ILE A 108 15.76 -30.91 25.75
N LYS A 109 14.64 -30.52 25.12
CA LYS A 109 13.63 -31.45 24.60
C LYS A 109 12.79 -30.84 23.48
N HIS A 110 11.97 -31.68 22.81
CA HIS A 110 11.08 -31.25 21.73
C HIS A 110 9.69 -31.91 21.81
N TYR A 111 8.67 -31.28 21.19
CA TYR A 111 7.29 -31.79 21.13
C TYR A 111 6.81 -31.82 19.67
N VAL A 112 6.50 -33.04 19.18
CA VAL A 112 5.98 -33.34 17.85
C VAL A 112 4.46 -33.64 18.04
N GLY A 113 3.62 -33.27 17.08
CA GLY A 113 2.18 -33.50 17.15
C GLY A 113 1.36 -32.71 16.14
N HIS A 114 1.59 -31.38 16.05
CA HIS A 114 0.89 -30.55 15.06
C HIS A 114 1.18 -31.07 13.64
N GLY A 115 0.15 -31.07 12.79
CA GLY A 115 0.25 -31.57 11.42
C GLY A 115 0.77 -30.56 10.40
N ASN A 116 1.17 -29.36 10.87
CA ASN A 116 1.68 -28.28 10.03
C ASN A 116 2.40 -27.24 10.91
N ALA A 117 2.95 -26.15 10.30
CA ALA A 117 3.70 -25.08 10.97
C ALA A 117 3.01 -24.49 12.21
N ILE A 118 3.81 -23.97 13.15
CA ILE A 118 3.31 -23.29 14.36
C ILE A 118 3.54 -21.78 14.16
N ASN A 119 2.47 -20.99 14.27
CA ASN A 119 2.50 -19.53 14.08
C ASN A 119 2.75 -18.72 15.35
N GLU A 120 2.41 -19.25 16.55
CA GLU A 120 2.62 -18.56 17.81
C GLU A 120 2.74 -19.51 19.00
N LEU A 121 3.55 -19.10 20.00
CA LEU A 121 3.74 -19.78 21.29
C LEU A 121 3.46 -18.76 22.41
N LYS A 122 2.72 -19.18 23.45
CA LYS A 122 2.41 -18.35 24.62
C LYS A 122 2.42 -19.19 25.89
N PHE A 123 3.08 -18.71 26.93
CA PHE A 123 3.09 -19.38 28.23
C PHE A 123 1.97 -18.80 29.13
N HIS A 124 1.31 -19.67 29.94
CA HIS A 124 0.24 -19.28 30.88
C HIS A 124 0.77 -18.19 31.86
N PRO A 125 -0.01 -17.12 32.13
CA PRO A 125 0.50 -16.05 33.02
C PRO A 125 0.70 -16.39 34.50
N ARG A 126 0.14 -17.50 34.98
CA ARG A 126 0.33 -17.87 36.39
C ARG A 126 1.13 -19.18 36.49
N ASP A 127 0.95 -20.09 35.52
CA ASP A 127 1.60 -21.40 35.52
C ASP A 127 2.69 -21.49 34.44
N PRO A 128 3.98 -21.41 34.87
CA PRO A 128 5.09 -21.41 33.89
C PRO A 128 5.25 -22.69 33.08
N ASN A 129 4.63 -23.80 33.51
CA ASN A 129 4.68 -25.10 32.81
C ASN A 129 3.62 -25.25 31.68
N LEU A 130 2.64 -24.33 31.62
CA LEU A 130 1.56 -24.45 30.63
C LEU A 130 1.85 -23.65 29.35
N LEU A 131 2.12 -24.37 28.27
CA LEU A 131 2.47 -23.79 26.96
C LEU A 131 1.37 -23.97 25.91
N LEU A 132 0.98 -22.84 25.28
CA LEU A 132 -0.04 -22.82 24.22
C LEU A 132 0.64 -22.64 22.84
N SER A 133 0.29 -23.52 21.88
CA SER A 133 0.81 -23.43 20.51
C SER A 133 -0.39 -23.29 19.52
N VAL A 134 -0.23 -22.46 18.45
CA VAL A 134 -1.27 -22.25 17.43
C VAL A 134 -0.69 -22.61 16.06
N SER A 135 -1.46 -23.37 15.25
CA SER A 135 -0.92 -23.95 14.03
C SER A 135 -1.73 -23.74 12.73
N LYS A 136 -1.03 -23.93 11.59
CA LYS A 136 -1.61 -23.95 10.25
C LYS A 136 -2.55 -25.16 10.09
N ASP A 137 -2.47 -26.14 11.04
CA ASP A 137 -3.34 -27.34 10.99
C ASP A 137 -4.80 -27.06 11.49
N HIS A 138 -5.15 -25.76 11.78
CA HIS A 138 -6.48 -25.24 12.22
C HIS A 138 -6.73 -25.41 13.74
N ALA A 139 -5.76 -25.90 14.49
CA ALA A 139 -5.95 -26.15 15.92
C ALA A 139 -4.98 -25.41 16.82
N LEU A 140 -5.35 -25.31 18.11
CA LEU A 140 -4.50 -24.83 19.20
C LEU A 140 -4.23 -26.07 20.07
N ARG A 141 -3.06 -26.12 20.71
CA ARG A 141 -2.68 -27.20 21.62
C ARG A 141 -2.12 -26.65 22.93
N LEU A 142 -2.54 -27.23 24.07
CA LEU A 142 -2.07 -26.86 25.41
C LEU A 142 -1.19 -28.00 25.92
N TRP A 143 0.08 -27.69 26.26
CA TRP A 143 1.07 -28.65 26.72
C TRP A 143 1.52 -28.40 28.16
N ASN A 144 1.86 -29.47 28.89
CA ASN A 144 2.42 -29.37 30.24
C ASN A 144 3.88 -29.79 30.07
N ILE A 145 4.81 -28.81 30.09
CA ILE A 145 6.23 -29.07 29.83
C ILE A 145 6.98 -29.66 31.06
N GLN A 146 6.33 -29.79 32.22
CA GLN A 146 6.95 -30.42 33.39
C GLN A 146 6.84 -31.95 33.24
N THR A 147 5.64 -32.46 32.86
CA THR A 147 5.37 -33.90 32.71
C THR A 147 5.39 -34.37 31.23
N ASP A 148 5.67 -33.45 30.27
CA ASP A 148 5.74 -33.69 28.82
C ASP A 148 4.44 -34.28 28.27
N THR A 149 3.30 -33.69 28.67
CA THR A 149 1.98 -34.18 28.25
C THR A 149 1.21 -33.18 27.41
N LEU A 150 0.37 -33.69 26.50
CA LEU A 150 -0.54 -32.88 25.71
C LEU A 150 -1.86 -32.82 26.51
N VAL A 151 -2.16 -31.67 27.11
CA VAL A 151 -3.36 -31.49 27.97
C VAL A 151 -4.66 -31.51 27.16
N ALA A 152 -4.71 -30.70 26.08
CA ALA A 152 -5.92 -30.51 25.30
C ALA A 152 -5.62 -30.07 23.87
N ILE A 153 -6.56 -30.38 22.96
CA ILE A 153 -6.54 -29.95 21.56
C ILE A 153 -7.86 -29.16 21.34
N PHE A 154 -7.72 -27.89 20.90
CA PHE A 154 -8.83 -26.95 20.66
C PHE A 154 -9.08 -26.85 19.14
N GLY A 155 -10.11 -27.56 18.67
CA GLY A 155 -10.45 -27.60 17.26
C GLY A 155 -11.36 -28.75 16.91
N GLY A 156 -11.87 -28.74 15.70
CA GLY A 156 -12.78 -29.77 15.22
C GLY A 156 -13.92 -29.18 14.44
N VAL A 157 -15.18 -29.53 14.80
CA VAL A 157 -16.41 -29.13 14.11
C VAL A 157 -16.68 -27.62 14.19
N GLU A 158 -16.62 -27.00 15.38
CA GLU A 158 -16.87 -25.55 15.54
C GLU A 158 -15.59 -24.76 15.84
N GLY A 159 -14.44 -25.41 15.62
CA GLY A 159 -13.13 -24.76 15.77
C GLY A 159 -12.80 -23.97 14.52
N HIS A 160 -11.58 -23.42 14.44
CA HIS A 160 -11.14 -22.69 13.24
C HIS A 160 -11.24 -23.54 11.97
N ARG A 161 -11.64 -22.91 10.86
CA ARG A 161 -11.84 -23.56 9.55
C ARG A 161 -10.66 -23.31 8.59
N ASP A 162 -9.62 -22.62 9.09
CA ASP A 162 -8.41 -22.31 8.32
C ASP A 162 -7.25 -22.08 9.31
N GLU A 163 -6.05 -21.80 8.78
CA GLU A 163 -4.81 -21.59 9.56
C GLU A 163 -4.98 -20.61 10.73
N VAL A 164 -4.55 -21.02 11.94
CA VAL A 164 -4.64 -20.14 13.13
C VAL A 164 -3.34 -19.31 13.16
N LEU A 165 -3.49 -17.97 13.28
CA LEU A 165 -2.35 -17.04 13.23
C LEU A 165 -1.85 -16.50 14.56
N SER A 166 -2.74 -16.35 15.58
CA SER A 166 -2.39 -15.76 16.88
C SER A 166 -3.35 -16.20 17.98
N ALA A 167 -2.89 -16.08 19.24
CA ALA A 167 -3.70 -16.34 20.44
C ALA A 167 -3.09 -15.66 21.65
N ASP A 168 -3.93 -15.40 22.67
CA ASP A 168 -3.49 -14.75 23.90
C ASP A 168 -4.36 -15.22 25.07
N TYR A 169 -3.74 -15.38 26.24
CA TYR A 169 -4.42 -15.70 27.49
C TYR A 169 -4.87 -14.36 28.06
N ASP A 170 -5.96 -14.32 28.84
CA ASP A 170 -6.36 -13.10 29.57
C ASP A 170 -5.38 -12.91 30.77
N LEU A 171 -5.58 -11.86 31.58
CA LEU A 171 -4.72 -11.51 32.70
C LEU A 171 -4.41 -12.69 33.66
N LEU A 172 -5.42 -13.44 34.09
CA LEU A 172 -5.23 -14.56 35.04
C LEU A 172 -5.07 -15.94 34.40
N GLY A 173 -5.23 -16.01 33.08
CA GLY A 173 -5.15 -17.29 32.36
C GLY A 173 -6.38 -18.16 32.61
N GLU A 174 -7.56 -17.53 32.73
CA GLU A 174 -8.85 -18.26 32.87
C GLU A 174 -9.46 -18.58 31.49
N LYS A 175 -9.01 -17.85 30.45
CA LYS A 175 -9.52 -18.00 29.07
C LYS A 175 -8.51 -17.56 28.00
N ILE A 176 -8.72 -18.05 26.77
CA ILE A 176 -7.88 -17.78 25.60
C ILE A 176 -8.76 -17.22 24.46
N MET A 177 -8.24 -16.23 23.71
CA MET A 177 -8.87 -15.72 22.49
C MET A 177 -7.90 -16.05 21.34
N SER A 178 -8.40 -16.72 20.29
CA SER A 178 -7.61 -17.11 19.11
C SER A 178 -8.16 -16.45 17.83
N CYS A 179 -7.32 -16.36 16.77
CA CYS A 179 -7.74 -15.74 15.49
C CYS A 179 -6.95 -16.30 14.30
N GLY A 180 -7.53 -16.18 13.10
CA GLY A 180 -6.81 -16.67 11.92
C GLY A 180 -7.35 -16.31 10.55
N MET A 181 -6.98 -17.15 9.56
CA MET A 181 -7.33 -16.97 8.14
C MET A 181 -8.84 -17.05 7.82
N ASP A 182 -9.64 -17.67 8.72
CA ASP A 182 -11.09 -17.79 8.50
C ASP A 182 -11.84 -16.48 8.88
N HIS A 183 -11.07 -15.41 9.23
CA HIS A 183 -11.54 -14.06 9.65
C HIS A 183 -12.20 -14.07 11.04
N SER A 184 -12.20 -15.22 11.75
CA SER A 184 -12.88 -15.30 13.02
C SER A 184 -11.97 -15.13 14.24
N LEU A 185 -12.58 -14.70 15.36
CA LEU A 185 -11.99 -14.56 16.68
C LEU A 185 -12.83 -15.49 17.57
N LYS A 186 -12.18 -16.47 18.24
CA LYS A 186 -12.87 -17.48 19.05
C LYS A 186 -12.38 -17.52 20.50
N LEU A 187 -13.34 -17.65 21.44
CA LEU A 187 -13.04 -17.70 22.87
C LEU A 187 -13.02 -19.15 23.38
N TRP A 188 -12.01 -19.51 24.19
CA TRP A 188 -11.93 -20.86 24.79
C TRP A 188 -11.70 -20.71 26.32
N ARG A 189 -12.70 -21.08 27.13
CA ARG A 189 -12.61 -21.01 28.60
C ARG A 189 -11.80 -22.18 29.13
N ILE A 190 -10.76 -21.93 29.93
CA ILE A 190 -9.95 -23.03 30.49
C ILE A 190 -10.08 -23.14 32.03
N ASN A 191 -11.05 -22.40 32.62
CA ASN A 191 -11.37 -22.44 34.05
C ASN A 191 -12.67 -23.27 34.29
N SER A 192 -13.09 -24.05 33.27
CA SER A 192 -14.23 -24.96 33.36
C SER A 192 -13.80 -26.17 34.22
N LYS A 193 -14.77 -26.91 34.79
CA LYS A 193 -14.50 -28.10 35.61
C LYS A 193 -13.70 -29.13 34.78
N ARG A 194 -14.07 -29.29 33.49
CA ARG A 194 -13.42 -30.19 32.53
C ARG A 194 -11.92 -29.86 32.34
N MET A 195 -11.61 -28.58 32.05
CA MET A 195 -10.24 -28.14 31.82
C MET A 195 -9.37 -28.11 33.08
N MET A 196 -9.97 -27.72 34.24
CA MET A 196 -9.25 -27.70 35.51
C MET A 196 -8.83 -29.11 35.93
N ASN A 197 -9.74 -30.12 35.75
CA ASN A 197 -9.45 -31.52 36.05
C ASN A 197 -8.39 -32.08 35.08
N ALA A 198 -8.45 -31.69 33.78
CA ALA A 198 -7.47 -32.13 32.76
C ALA A 198 -6.05 -31.66 33.13
N ILE A 199 -5.91 -30.38 33.57
CA ILE A 199 -4.62 -29.78 33.98
C ILE A 199 -4.09 -30.52 35.24
N LYS A 200 -4.97 -30.77 36.23
CA LYS A 200 -4.65 -31.49 37.48
C LYS A 200 -4.12 -32.90 37.14
N GLU A 201 -4.86 -33.64 36.27
CA GLU A 201 -4.50 -34.97 35.79
C GLU A 201 -3.15 -35.01 35.08
N SER A 202 -2.81 -33.94 34.31
CA SER A 202 -1.55 -33.82 33.56
C SER A 202 -0.34 -33.78 34.50
N TYR A 203 -0.51 -33.21 35.71
CA TYR A 203 0.55 -33.18 36.74
C TYR A 203 0.77 -34.53 37.41
N ASP A 204 -0.24 -35.40 37.40
CA ASP A 204 -0.15 -36.74 38.02
C ASP A 204 0.43 -37.80 37.08
N TYR A 205 0.40 -37.55 35.75
CA TYR A 205 0.87 -38.54 34.77
C TYR A 205 2.40 -38.75 34.78
N ASN A 206 2.81 -40.02 34.67
CA ASN A 206 4.21 -40.43 34.48
C ASN A 206 4.20 -41.72 33.67
N PRO A 207 4.77 -41.69 32.44
CA PRO A 207 4.77 -42.90 31.59
C PRO A 207 5.50 -44.10 32.18
N ASN A 208 6.39 -43.88 33.18
CA ASN A 208 7.14 -44.94 33.83
C ASN A 208 6.34 -45.70 34.90
N LYS A 209 5.16 -45.18 35.32
CA LYS A 209 4.37 -45.86 36.36
C LYS A 209 3.08 -46.52 35.81
N THR A 210 2.85 -46.41 34.49
CA THR A 210 1.70 -47.03 33.79
C THR A 210 2.08 -47.43 32.35
N ASN A 211 1.46 -48.48 31.81
CA ASN A 211 1.71 -48.85 30.41
C ASN A 211 0.68 -48.16 29.43
N ARG A 212 -0.25 -47.35 29.98
CA ARG A 212 -1.30 -46.63 29.25
C ARG A 212 -0.91 -45.18 28.88
N PRO A 213 -1.21 -44.69 27.64
CA PRO A 213 -0.88 -43.29 27.31
C PRO A 213 -1.78 -42.29 28.02
N PHE A 214 -1.31 -41.04 28.14
CA PHE A 214 -2.11 -39.95 28.72
C PHE A 214 -3.20 -39.57 27.69
N ILE A 215 -4.45 -39.40 28.16
CA ILE A 215 -5.56 -39.05 27.25
C ILE A 215 -5.78 -37.53 27.25
N SER A 216 -5.61 -36.90 26.06
CA SER A 216 -5.80 -35.45 25.89
C SER A 216 -7.29 -35.12 25.72
N GLN A 217 -7.72 -33.94 26.19
CA GLN A 217 -9.09 -33.46 25.97
C GLN A 217 -9.25 -32.99 24.52
N LYS A 218 -10.35 -33.41 23.85
CA LYS A 218 -10.66 -32.93 22.49
C LYS A 218 -11.80 -31.90 22.61
N ILE A 219 -11.42 -30.60 22.62
CA ILE A 219 -12.36 -29.47 22.75
C ILE A 219 -12.81 -29.05 21.35
N HIS A 220 -14.01 -29.53 20.93
CA HIS A 220 -14.62 -29.30 19.62
C HIS A 220 -15.41 -27.98 19.49
N PHE A 221 -15.82 -27.38 20.63
CA PHE A 221 -16.70 -26.21 20.67
C PHE A 221 -16.12 -25.02 21.45
N PRO A 222 -16.00 -23.82 20.82
CA PRO A 222 -15.55 -22.62 21.57
C PRO A 222 -16.71 -22.04 22.41
N ASP A 223 -16.39 -21.12 23.34
CA ASP A 223 -17.35 -20.47 24.24
C ASP A 223 -17.93 -19.15 23.67
N PHE A 224 -17.42 -18.70 22.50
CA PHE A 224 -17.85 -17.49 21.76
C PHE A 224 -17.14 -17.45 20.42
N SER A 225 -17.80 -16.90 19.38
CA SER A 225 -17.20 -16.75 18.05
C SER A 225 -17.79 -15.55 17.30
N THR A 226 -16.93 -14.79 16.59
CA THR A 226 -17.34 -13.65 15.74
C THR A 226 -16.50 -13.56 14.46
N ARG A 227 -17.13 -13.09 13.35
CA ARG A 227 -16.48 -12.82 12.06
C ARG A 227 -16.88 -11.38 11.65
N ASP A 228 -17.39 -10.59 12.61
CA ASP A 228 -17.89 -9.23 12.40
C ASP A 228 -16.93 -8.08 12.72
N ILE A 229 -15.67 -8.37 13.05
CA ILE A 229 -14.72 -7.30 13.39
C ILE A 229 -13.89 -6.88 12.17
N HIS A 230 -13.29 -7.85 11.46
CA HIS A 230 -12.43 -7.62 10.30
C HIS A 230 -12.98 -8.35 9.06
N ARG A 231 -12.54 -7.94 7.85
CA ARG A 231 -12.97 -8.55 6.58
C ARG A 231 -11.84 -9.28 5.82
N ASN A 232 -10.76 -9.66 6.53
CA ASN A 232 -9.59 -10.37 5.98
C ASN A 232 -8.90 -11.18 7.11
N TYR A 233 -7.74 -11.83 6.81
CA TYR A 233 -6.95 -12.64 7.77
C TYR A 233 -6.67 -11.85 9.07
N VAL A 234 -7.01 -12.43 10.26
CA VAL A 234 -6.77 -11.76 11.56
C VAL A 234 -5.44 -12.32 12.09
N ASP A 235 -4.37 -11.52 12.07
CA ASP A 235 -3.02 -12.02 12.37
C ASP A 235 -2.45 -11.64 13.75
N CYS A 236 -3.19 -10.92 14.61
CA CYS A 236 -2.68 -10.57 15.96
C CYS A 236 -3.85 -10.27 16.90
N VAL A 237 -3.86 -10.89 18.09
CA VAL A 237 -4.90 -10.71 19.12
C VAL A 237 -4.27 -10.63 20.51
N ARG A 238 -4.70 -9.63 21.34
CA ARG A 238 -4.24 -9.43 22.72
C ARG A 238 -5.41 -8.96 23.62
N TRP A 239 -5.44 -9.41 24.88
CA TRP A 239 -6.45 -8.97 25.85
C TRP A 239 -5.99 -7.65 26.46
N LEU A 240 -6.93 -6.76 26.76
CA LEU A 240 -6.70 -5.48 27.45
C LEU A 240 -7.80 -5.46 28.55
N GLY A 241 -7.50 -6.11 29.68
CA GLY A 241 -8.49 -6.33 30.73
C GLY A 241 -9.51 -7.32 30.19
N ASP A 242 -10.80 -6.97 30.26
CA ASP A 242 -11.89 -7.79 29.72
C ASP A 242 -12.16 -7.42 28.23
N LEU A 243 -11.40 -6.45 27.70
CA LEU A 243 -11.54 -6.00 26.29
C LEU A 243 -10.53 -6.72 25.39
N ILE A 244 -10.75 -6.66 24.05
N ILE A 244 -10.75 -6.66 24.05
CA ILE A 244 -9.88 -7.29 23.06
CA ILE A 244 -9.88 -7.26 23.03
C ILE A 244 -9.36 -6.29 22.02
C ILE A 244 -9.33 -6.20 22.08
N LEU A 245 -8.04 -6.33 21.74
CA LEU A 245 -7.35 -5.56 20.70
C LEU A 245 -7.02 -6.60 19.62
N SER A 246 -7.42 -6.34 18.36
CA SER A 246 -7.11 -7.25 17.24
C SER A 246 -6.90 -6.48 15.94
N LYS A 247 -6.07 -7.02 15.04
CA LYS A 247 -5.80 -6.40 13.73
C LYS A 247 -5.83 -7.40 12.58
N SER A 248 -6.13 -6.88 11.38
CA SER A 248 -6.07 -7.60 10.12
C SER A 248 -5.04 -6.82 9.26
N CYS A 249 -5.11 -6.91 7.94
CA CYS A 249 -4.22 -6.19 7.03
C CYS A 249 -4.99 -4.97 6.45
N GLU A 250 -5.85 -4.35 7.29
CA GLU A 250 -6.76 -3.25 6.89
C GLU A 250 -6.41 -1.88 7.51
N ASN A 251 -5.14 -1.71 7.92
CA ASN A 251 -4.55 -0.49 8.47
C ASN A 251 -5.25 0.06 9.75
N ALA A 252 -5.70 -0.85 10.64
CA ALA A 252 -6.31 -0.49 11.92
C ALA A 252 -6.24 -1.63 12.95
N ILE A 253 -6.05 -1.25 14.23
CA ILE A 253 -6.17 -2.13 15.40
C ILE A 253 -7.54 -1.78 15.98
N VAL A 254 -8.41 -2.77 16.12
CA VAL A 254 -9.77 -2.54 16.63
C VAL A 254 -9.90 -2.97 18.11
N CYS A 255 -10.46 -2.08 18.97
CA CYS A 255 -10.74 -2.41 20.37
C CYS A 255 -12.23 -2.74 20.42
N TRP A 256 -12.56 -3.96 20.88
CA TRP A 256 -13.94 -4.47 20.93
C TRP A 256 -14.18 -5.41 22.11
N LYS A 257 -15.45 -5.82 22.32
CA LYS A 257 -15.85 -6.76 23.36
C LYS A 257 -17.02 -7.64 22.90
N PRO A 258 -17.11 -8.91 23.34
CA PRO A 258 -18.27 -9.74 23.00
C PRO A 258 -19.55 -9.19 23.65
N GLY A 259 -20.69 -9.37 22.96
CA GLY A 259 -21.99 -8.94 23.44
C GLY A 259 -22.24 -7.44 23.36
N LYS A 260 -23.31 -7.00 24.03
CA LYS A 260 -23.72 -5.58 24.13
C LYS A 260 -22.83 -4.81 25.11
N MET A 261 -22.94 -3.46 25.11
CA MET A 261 -22.11 -2.56 25.93
C MET A 261 -22.02 -2.96 27.41
N GLU A 262 -23.15 -3.30 28.06
CA GLU A 262 -23.15 -3.64 29.49
C GLU A 262 -23.08 -5.15 29.79
N ASP A 263 -22.78 -6.00 28.78
CA ASP A 263 -22.68 -7.45 28.99
C ASP A 263 -21.34 -7.86 29.61
N ASP A 264 -21.39 -8.55 30.76
CA ASP A 264 -20.17 -9.02 31.43
C ASP A 264 -19.60 -10.21 30.65
N ILE A 265 -18.27 -10.24 30.46
CA ILE A 265 -17.53 -11.28 29.73
C ILE A 265 -17.83 -12.70 30.27
N ASP A 266 -18.00 -12.83 31.60
CA ASP A 266 -18.24 -14.14 32.21
C ASP A 266 -19.73 -14.55 32.19
N LYS A 267 -20.61 -13.68 31.65
CA LYS A 267 -22.04 -13.96 31.47
C LYS A 267 -22.36 -14.31 29.99
N ILE A 268 -21.42 -14.02 29.07
CA ILE A 268 -21.49 -14.30 27.62
C ILE A 268 -21.72 -15.83 27.39
N LYS A 269 -22.79 -16.17 26.64
CA LYS A 269 -23.15 -17.54 26.26
C LYS A 269 -22.54 -17.89 24.88
N PRO A 270 -22.29 -19.20 24.54
CA PRO A 270 -21.71 -19.51 23.21
C PRO A 270 -22.55 -19.10 22.00
N SER A 271 -23.86 -18.87 22.20
CA SER A 271 -24.78 -18.45 21.13
C SER A 271 -24.81 -16.92 20.89
N GLU A 272 -24.05 -16.13 21.69
CA GLU A 272 -23.99 -14.66 21.60
C GLU A 272 -23.72 -14.19 20.16
N SER A 273 -24.69 -13.46 19.59
CA SER A 273 -24.64 -12.96 18.21
C SER A 273 -24.06 -11.55 18.06
N ASN A 274 -24.03 -10.77 19.16
CA ASN A 274 -23.55 -9.38 19.13
C ASN A 274 -22.08 -9.17 19.59
N VAL A 275 -21.51 -8.04 19.15
CA VAL A 275 -20.19 -7.49 19.50
C VAL A 275 -20.35 -5.96 19.64
N THR A 276 -19.49 -5.30 20.44
CA THR A 276 -19.51 -3.85 20.62
C THR A 276 -18.13 -3.28 20.25
N ILE A 277 -18.08 -2.29 19.31
CA ILE A 277 -16.82 -1.64 18.92
C ILE A 277 -16.59 -0.47 19.86
N LEU A 278 -15.43 -0.43 20.51
CA LEU A 278 -15.13 0.61 21.51
C LEU A 278 -14.16 1.68 21.01
N GLY A 279 -13.42 1.39 19.94
CA GLY A 279 -12.45 2.31 19.36
C GLY A 279 -11.54 1.66 18.34
N ARG A 280 -10.77 2.49 17.62
CA ARG A 280 -9.80 2.03 16.61
C ARG A 280 -8.54 2.90 16.61
N PHE A 281 -7.38 2.24 16.39
CA PHE A 281 -6.08 2.90 16.26
C PHE A 281 -5.73 2.84 14.76
N ASP A 282 -5.81 3.98 14.08
CA ASP A 282 -5.55 4.09 12.63
C ASP A 282 -4.08 4.38 12.30
N TYR A 283 -3.61 3.82 11.18
CA TYR A 283 -2.24 3.98 10.69
C TYR A 283 -2.16 3.75 9.17
N SER A 284 -0.94 3.82 8.60
CA SER A 284 -0.73 3.69 7.15
C SER A 284 0.33 2.65 6.79
N GLN A 285 0.29 2.17 5.53
CA GLN A 285 1.25 1.24 4.92
C GLN A 285 1.63 0.03 5.80
N CYS A 286 0.62 -0.69 6.32
CA CYS A 286 0.76 -1.95 7.07
C CYS A 286 -0.40 -2.85 6.62
N ASP A 287 -0.46 -3.11 5.30
CA ASP A 287 -1.53 -3.87 4.66
C ASP A 287 -1.07 -5.22 4.08
N ILE A 288 0.07 -5.74 4.55
CA ILE A 288 0.59 -7.05 4.18
C ILE A 288 0.33 -8.03 5.35
N TRP A 289 0.21 -9.34 5.06
CA TRP A 289 0.00 -10.38 6.08
C TRP A 289 1.28 -10.57 6.91
N TYR A 290 1.10 -11.01 8.20
CA TYR A 290 2.13 -11.35 9.19
C TYR A 290 2.88 -10.13 9.74
N MET A 291 2.16 -9.25 10.46
CA MET A 291 2.71 -8.05 11.12
C MET A 291 2.10 -8.00 12.54
N ARG A 292 2.94 -8.06 13.55
CA ARG A 292 2.46 -8.11 14.94
C ARG A 292 2.57 -6.81 15.70
N PHE A 293 1.58 -6.54 16.58
CA PHE A 293 1.61 -5.39 17.49
C PHE A 293 2.01 -5.94 18.87
N SER A 294 2.49 -5.06 19.77
N SER A 294 2.47 -5.06 19.77
CA SER A 294 2.88 -5.46 21.12
CA SER A 294 2.88 -5.46 21.12
C SER A 294 2.59 -4.38 22.15
C SER A 294 2.51 -4.38 22.13
N MET A 295 2.35 -4.80 23.40
CA MET A 295 2.11 -3.89 24.52
C MET A 295 3.26 -4.08 25.48
N ASP A 296 3.52 -3.06 26.29
CA ASP A 296 4.53 -3.22 27.32
C ASP A 296 3.90 -4.02 28.49
N PHE A 297 4.71 -4.41 29.48
CA PHE A 297 4.28 -5.21 30.63
C PHE A 297 3.11 -4.55 31.38
N TRP A 298 3.17 -3.24 31.55
CA TRP A 298 2.19 -2.40 32.25
C TRP A 298 0.89 -2.23 31.49
N GLN A 299 0.86 -2.60 30.18
CA GLN A 299 -0.28 -2.39 29.29
C GLN A 299 -0.69 -0.89 29.26
N LYS A 300 0.33 0.00 29.28
CA LYS A 300 0.17 1.46 29.17
C LYS A 300 0.65 1.99 27.79
N MET A 301 1.42 1.17 27.04
N MET A 301 1.41 1.17 27.04
CA MET A 301 1.98 1.51 25.73
CA MET A 301 1.94 1.51 25.72
C MET A 301 1.64 0.43 24.70
C MET A 301 1.63 0.44 24.69
N LEU A 302 1.42 0.85 23.44
CA LEU A 302 1.12 -0.05 22.32
C LEU A 302 2.05 0.32 21.15
N ALA A 303 2.68 -0.68 20.52
CA ALA A 303 3.61 -0.47 19.40
C ALA A 303 3.31 -1.38 18.22
N LEU A 304 3.52 -0.87 17.00
CA LEU A 304 3.34 -1.60 15.76
C LEU A 304 4.22 -0.99 14.67
N GLY A 305 4.95 -1.86 13.98
CA GLY A 305 5.80 -1.48 12.85
C GLY A 305 5.04 -1.62 11.55
N ASN A 306 5.43 -0.82 10.55
CA ASN A 306 4.78 -0.88 9.22
C ASN A 306 5.74 -1.49 8.16
N GLN A 307 5.25 -1.70 6.93
CA GLN A 307 6.00 -2.37 5.86
C GLN A 307 7.14 -1.53 5.23
N VAL A 308 7.29 -0.23 5.62
CA VAL A 308 8.35 0.63 5.07
C VAL A 308 9.32 1.15 6.18
N GLY A 309 9.37 0.45 7.31
CA GLY A 309 10.26 0.78 8.42
C GLY A 309 9.88 1.87 9.40
N LYS A 310 8.59 2.25 9.43
CA LYS A 310 8.11 3.26 10.40
C LYS A 310 7.55 2.54 11.63
N LEU A 311 7.84 3.06 12.83
CA LEU A 311 7.38 2.47 14.08
C LEU A 311 6.35 3.39 14.74
N TYR A 312 5.11 2.88 14.93
CA TYR A 312 4.02 3.63 15.56
C TYR A 312 3.95 3.28 17.05
N VAL A 313 3.79 4.28 17.92
CA VAL A 313 3.69 4.09 19.38
C VAL A 313 2.51 4.91 19.95
N TRP A 314 1.60 4.25 20.70
CA TRP A 314 0.44 4.93 21.32
C TRP A 314 0.50 4.86 22.85
N ASP A 315 0.13 5.97 23.53
CA ASP A 315 0.05 6.01 24.98
C ASP A 315 -1.42 5.69 25.32
N LEU A 316 -1.66 4.50 25.90
CA LEU A 316 -3.01 4.01 26.22
C LEU A 316 -3.72 4.73 27.39
N GLU A 317 -3.00 5.57 28.17
CA GLU A 317 -3.56 6.31 29.32
C GLU A 317 -4.30 7.60 28.97
N CYS A 326 -0.46 9.50 19.11
CA CYS A 326 0.41 8.65 18.30
C CYS A 326 1.74 9.32 17.97
N THR A 327 2.84 8.57 18.13
CA THR A 327 4.19 9.03 17.80
C THR A 327 4.77 8.09 16.74
N THR A 328 5.40 8.67 15.70
CA THR A 328 6.01 7.89 14.62
C THR A 328 7.55 7.97 14.74
N LEU A 329 8.19 6.82 14.93
CA LEU A 329 9.66 6.70 15.06
C LEU A 329 10.24 6.26 13.72
N THR A 330 11.13 7.09 13.13
CA THR A 330 11.78 6.82 11.84
C THR A 330 13.30 7.02 11.88
N HIS A 331 14.02 6.32 10.99
CA HIS A 331 15.46 6.45 10.79
C HIS A 331 15.72 6.33 9.28
N HIS A 332 16.60 7.18 8.72
CA HIS A 332 16.89 7.18 7.28
C HIS A 332 17.45 5.84 6.74
N LYS A 333 18.05 5.02 7.61
CA LYS A 333 18.60 3.70 7.23
C LYS A 333 17.63 2.53 7.49
N CYS A 334 16.46 2.80 8.11
CA CYS A 334 15.44 1.78 8.41
C CYS A 334 14.29 1.87 7.40
N GLY A 335 14.34 1.03 6.37
CA GLY A 335 13.36 1.01 5.28
C GLY A 335 12.61 -0.28 5.02
N ALA A 336 13.03 -1.40 5.68
CA ALA A 336 12.39 -2.70 5.50
C ALA A 336 11.24 -2.95 6.50
N ALA A 337 10.29 -3.84 6.15
CA ALA A 337 9.13 -4.17 6.97
C ALA A 337 9.51 -4.61 8.40
N ILE A 338 8.88 -3.98 9.43
CA ILE A 338 9.10 -4.31 10.86
C ILE A 338 8.05 -5.37 11.24
N ARG A 339 8.48 -6.64 11.35
CA ARG A 339 7.59 -7.78 11.64
C ARG A 339 7.06 -7.83 13.11
N GLN A 340 7.92 -7.53 14.09
CA GLN A 340 7.53 -7.56 15.52
C GLN A 340 8.45 -6.64 16.33
N THR A 341 7.95 -6.15 17.46
CA THR A 341 8.64 -5.28 18.41
C THR A 341 8.47 -5.86 19.83
N SER A 342 9.34 -5.43 20.75
CA SER A 342 9.30 -5.84 22.16
C SER A 342 9.85 -4.75 23.06
N PHE A 343 9.11 -4.45 24.14
CA PHE A 343 9.53 -3.49 25.16
C PHE A 343 10.29 -4.23 26.24
N SER A 344 11.28 -3.58 26.88
CA SER A 344 11.97 -4.13 28.05
C SER A 344 10.92 -4.05 29.18
N ARG A 345 11.06 -4.87 30.24
CA ARG A 345 10.09 -4.87 31.33
C ARG A 345 9.79 -3.46 31.90
N ASP A 346 10.83 -2.61 32.08
CA ASP A 346 10.66 -1.26 32.63
C ASP A 346 10.18 -0.21 31.59
N SER A 347 9.93 -0.63 30.32
CA SER A 347 9.47 0.17 29.17
C SER A 347 10.47 1.27 28.72
N SER A 348 11.72 1.21 29.20
CA SER A 348 12.76 2.20 28.84
C SER A 348 13.42 1.89 27.49
N ILE A 349 13.31 0.63 27.00
CA ILE A 349 13.90 0.20 25.72
C ILE A 349 12.82 -0.47 24.85
N LEU A 350 12.85 -0.18 23.54
CA LEU A 350 11.98 -0.78 22.52
C LEU A 350 12.85 -1.26 21.36
N ILE A 351 12.78 -2.57 21.08
CA ILE A 351 13.54 -3.24 20.00
C ILE A 351 12.58 -3.58 18.85
N ALA A 352 13.01 -3.32 17.61
CA ALA A 352 12.27 -3.65 16.38
C ALA A 352 13.13 -4.55 15.48
N VAL A 353 12.51 -5.60 14.88
CA VAL A 353 13.22 -6.54 13.98
C VAL A 353 12.60 -6.51 12.58
N CYS A 354 13.43 -6.62 11.54
CA CYS A 354 13.01 -6.41 10.14
C CYS A 354 13.26 -7.57 9.15
N ASP A 355 12.63 -7.44 7.96
CA ASP A 355 12.76 -8.34 6.80
C ASP A 355 14.18 -8.45 6.22
N ASP A 356 15.03 -7.43 6.44
CA ASP A 356 16.41 -7.40 5.94
C ASP A 356 17.44 -7.88 7.00
N ALA A 357 16.95 -8.61 8.05
CA ALA A 357 17.73 -9.16 9.18
C ALA A 357 18.31 -8.10 10.13
N SER A 358 17.77 -6.86 10.09
CA SER A 358 18.25 -5.78 10.95
C SER A 358 17.46 -5.65 12.25
N ILE A 359 18.16 -5.19 13.32
CA ILE A 359 17.65 -4.99 14.69
C ILE A 359 17.84 -3.52 15.04
N TRP A 360 16.78 -2.86 15.57
CA TRP A 360 16.80 -1.43 15.90
C TRP A 360 16.47 -1.18 17.37
N ARG A 361 17.34 -0.44 18.08
CA ARG A 361 17.18 -0.11 19.51
C ARG A 361 16.80 1.35 19.73
N TRP A 362 15.62 1.55 20.35
CA TRP A 362 15.06 2.86 20.70
C TRP A 362 15.02 2.97 22.23
N ASP A 363 15.64 4.03 22.77
CA ASP A 363 15.70 4.27 24.22
C ASP A 363 14.88 5.49 24.60
N ARG A 364 14.06 5.35 25.66
CA ARG A 364 13.18 6.41 26.18
C ARG A 364 13.97 7.45 26.98
N SER B 6 -0.29 15.75 3.10
CA SER B 6 -1.06 15.00 4.07
C SER B 6 -2.48 14.68 3.56
N PHE B 7 -2.55 13.77 2.59
CA PHE B 7 -3.77 13.27 1.96
C PHE B 7 -4.32 12.03 2.68
N LYS B 8 -5.64 11.92 2.73
CA LYS B 8 -6.37 10.81 3.33
C LYS B 8 -7.44 10.31 2.37
N CYS B 9 -7.62 8.97 2.24
CA CYS B 9 -8.64 8.40 1.35
C CYS B 9 -10.02 8.57 1.98
N VAL B 10 -10.91 9.35 1.33
CA VAL B 10 -12.23 9.66 1.87
C VAL B 10 -13.37 8.90 1.17
N ASN B 11 -13.11 8.34 -0.03
CA ASN B 11 -14.14 7.60 -0.80
C ASN B 11 -13.53 6.79 -1.94
N SER B 12 -14.32 5.83 -2.43
CA SER B 12 -14.02 4.98 -3.59
C SER B 12 -15.32 4.42 -4.17
N LEU B 13 -15.32 4.14 -5.49
CA LEU B 13 -16.46 3.54 -6.18
C LEU B 13 -15.97 2.75 -7.39
N LYS B 14 -16.84 1.91 -7.97
CA LYS B 14 -16.52 1.10 -9.15
C LYS B 14 -17.61 1.30 -10.19
N GLU B 15 -17.21 1.51 -11.46
CA GLU B 15 -18.15 1.68 -12.57
C GLU B 15 -18.65 0.29 -13.01
N ASP B 16 -19.97 0.16 -13.26
CA ASP B 16 -20.65 -1.10 -13.60
C ASP B 16 -20.13 -1.84 -14.86
N HIS B 17 -19.44 -1.13 -15.78
CA HIS B 17 -18.91 -1.77 -17.01
C HIS B 17 -17.75 -2.74 -16.74
N ASN B 18 -17.05 -2.59 -15.60
CA ASN B 18 -15.92 -3.41 -15.13
C ASN B 18 -14.71 -3.44 -16.09
N GLN B 19 -14.58 -2.43 -16.98
CA GLN B 19 -13.46 -2.30 -17.92
C GLN B 19 -12.43 -1.29 -17.39
N PRO B 20 -11.14 -1.33 -17.82
CA PRO B 20 -10.17 -0.34 -17.32
C PRO B 20 -10.54 1.13 -17.63
N LEU B 21 -10.18 2.02 -16.71
CA LEU B 21 -10.35 3.46 -16.88
C LEU B 21 -8.96 4.00 -17.26
N PHE B 22 -8.85 4.60 -18.46
CA PHE B 22 -7.57 5.09 -18.99
C PHE B 22 -7.35 6.58 -18.82
N GLY B 23 -8.40 7.32 -18.47
CA GLY B 23 -8.29 8.76 -18.31
C GLY B 23 -9.19 9.36 -17.25
N VAL B 24 -8.70 10.44 -16.62
CA VAL B 24 -9.43 11.25 -15.63
C VAL B 24 -8.96 12.72 -15.72
N GLN B 25 -9.92 13.66 -15.74
CA GLN B 25 -9.63 15.09 -15.80
C GLN B 25 -10.65 15.89 -15.00
N PHE B 26 -10.18 16.70 -14.03
CA PHE B 26 -11.03 17.67 -13.35
C PHE B 26 -11.22 18.82 -14.35
N ASN B 27 -12.33 19.58 -14.23
CA ASN B 27 -12.54 20.75 -15.07
C ASN B 27 -11.92 21.94 -14.32
N TRP B 28 -10.76 22.44 -14.81
CA TRP B 28 -10.10 23.59 -14.19
C TRP B 28 -10.72 24.94 -14.60
N HIS B 29 -11.71 24.93 -15.54
CA HIS B 29 -12.41 26.13 -16.01
C HIS B 29 -13.66 26.38 -15.14
N SER B 30 -13.46 26.47 -13.82
CA SER B 30 -14.54 26.70 -12.85
C SER B 30 -14.12 27.76 -11.84
N LYS B 31 -15.08 28.57 -11.37
CA LYS B 31 -14.86 29.62 -10.37
C LYS B 31 -15.00 29.07 -8.94
N GLU B 32 -14.60 29.85 -7.93
CA GLU B 32 -14.70 29.44 -6.51
C GLU B 32 -16.17 29.39 -6.07
N GLY B 33 -16.56 28.26 -5.50
CA GLY B 33 -17.94 28.03 -5.04
C GLY B 33 -18.81 27.28 -6.04
N ASP B 34 -18.34 27.16 -7.30
CA ASP B 34 -19.05 26.46 -8.37
C ASP B 34 -18.83 24.94 -8.25
N PRO B 35 -19.73 24.05 -8.80
CA PRO B 35 -19.50 22.60 -8.65
C PRO B 35 -18.14 22.10 -9.12
N LEU B 36 -17.48 21.27 -8.27
CA LEU B 36 -16.19 20.64 -8.54
C LEU B 36 -16.50 19.39 -9.36
N VAL B 37 -16.20 19.40 -10.67
CA VAL B 37 -16.55 18.30 -11.57
C VAL B 37 -15.31 17.65 -12.24
N PHE B 38 -15.35 16.31 -12.38
CA PHE B 38 -14.34 15.52 -13.09
C PHE B 38 -15.01 14.52 -14.03
N ALA B 39 -14.31 14.16 -15.13
CA ALA B 39 -14.74 13.19 -16.13
C ALA B 39 -13.79 11.99 -16.13
N THR B 40 -14.34 10.78 -16.37
CA THR B 40 -13.56 9.53 -16.47
C THR B 40 -13.85 8.91 -17.85
N VAL B 41 -12.86 8.24 -18.46
CA VAL B 41 -13.02 7.57 -19.76
C VAL B 41 -12.51 6.13 -19.70
N GLY B 42 -13.22 5.24 -20.36
CA GLY B 42 -12.89 3.83 -20.42
C GLY B 42 -13.96 3.10 -21.21
N SER B 43 -13.60 1.96 -21.84
CA SER B 43 -14.49 1.19 -22.73
C SER B 43 -15.10 2.18 -23.75
N ASN B 44 -16.42 2.17 -23.99
CA ASN B 44 -17.03 3.14 -24.90
C ASN B 44 -17.81 4.19 -24.08
N ARG B 45 -17.31 4.50 -22.89
CA ARG B 45 -18.00 5.38 -21.94
C ARG B 45 -17.23 6.62 -21.49
N VAL B 46 -18.01 7.68 -21.21
CA VAL B 46 -17.56 8.96 -20.63
C VAL B 46 -18.55 9.24 -19.48
N THR B 47 -18.04 9.45 -18.26
CA THR B 47 -18.92 9.67 -17.10
C THR B 47 -18.51 10.94 -16.32
N LEU B 48 -19.50 11.75 -15.92
CA LEU B 48 -19.27 12.98 -15.15
C LEU B 48 -19.66 12.80 -13.69
N TYR B 49 -18.81 13.29 -12.78
CA TYR B 49 -19.04 13.22 -11.33
C TYR B 49 -18.83 14.59 -10.68
N GLU B 50 -19.55 14.84 -9.58
CA GLU B 50 -19.40 16.04 -8.77
C GLU B 50 -18.83 15.65 -7.39
N CYS B 51 -17.82 16.42 -6.92
CA CYS B 51 -17.20 16.25 -5.60
C CYS B 51 -17.89 17.16 -4.58
N HIS B 52 -18.52 16.57 -3.56
CA HIS B 52 -19.21 17.30 -2.49
C HIS B 52 -18.41 17.15 -1.18
N SER B 53 -18.81 17.89 -0.13
CA SER B 53 -18.15 17.81 1.18
C SER B 53 -18.34 16.42 1.82
N GLN B 54 -17.52 16.09 2.84
CA GLN B 54 -17.53 14.81 3.58
C GLN B 54 -17.21 13.60 2.68
N GLY B 55 -16.43 13.84 1.61
CA GLY B 55 -15.99 12.82 0.67
C GLY B 55 -17.01 12.34 -0.35
N GLU B 56 -18.24 12.88 -0.33
CA GLU B 56 -19.33 12.50 -1.24
C GLU B 56 -18.99 12.73 -2.73
N ILE B 57 -19.22 11.70 -3.57
CA ILE B 57 -19.04 11.73 -5.02
C ILE B 57 -20.42 11.45 -5.62
N ARG B 58 -20.96 12.40 -6.40
CA ARG B 58 -22.27 12.26 -7.00
C ARG B 58 -22.17 12.04 -8.50
N LEU B 59 -22.80 10.97 -9.00
CA LEU B 59 -22.85 10.65 -10.43
C LEU B 59 -23.79 11.64 -11.13
N LEU B 60 -23.27 12.40 -12.12
CA LEU B 60 -24.07 13.41 -12.82
C LEU B 60 -24.72 12.87 -14.09
N GLN B 61 -23.91 12.40 -15.05
CA GLN B 61 -24.36 11.87 -16.33
C GLN B 61 -23.37 10.88 -16.93
N SER B 62 -23.85 10.02 -17.84
CA SER B 62 -23.02 9.06 -18.55
C SER B 62 -23.32 9.07 -20.05
N TYR B 63 -22.27 9.08 -20.86
CA TYR B 63 -22.35 9.02 -22.31
C TYR B 63 -21.92 7.62 -22.72
N VAL B 64 -22.78 6.92 -23.47
CA VAL B 64 -22.48 5.59 -24.00
C VAL B 64 -22.43 5.75 -25.52
N ASP B 65 -21.25 5.50 -26.13
CA ASP B 65 -21.06 5.64 -27.58
C ASP B 65 -21.86 4.58 -28.34
N ALA B 66 -22.46 4.96 -29.49
CA ALA B 66 -23.25 4.09 -30.36
C ALA B 66 -22.45 2.85 -30.82
N ASP B 67 -21.11 3.02 -31.00
CA ASP B 67 -20.20 1.95 -31.39
C ASP B 67 -19.76 1.22 -30.11
N ALA B 68 -20.11 -0.07 -30.01
CA ALA B 68 -19.78 -0.92 -28.86
C ALA B 68 -18.29 -1.27 -28.80
N ASP B 69 -17.58 -1.24 -29.96
CA ASP B 69 -16.16 -1.59 -30.05
C ASP B 69 -15.20 -0.38 -29.88
N GLU B 70 -15.74 0.84 -29.67
CA GLU B 70 -14.91 2.03 -29.41
C GLU B 70 -14.28 1.88 -28.01
N ASN B 71 -12.99 2.26 -27.85
CA ASN B 71 -12.31 2.23 -26.56
C ASN B 71 -11.66 3.59 -26.34
N PHE B 72 -12.29 4.45 -25.50
CA PHE B 72 -11.77 5.80 -25.24
C PHE B 72 -10.47 5.74 -24.44
N TYR B 73 -9.46 6.51 -24.87
CA TYR B 73 -8.15 6.56 -24.23
C TYR B 73 -7.83 7.90 -23.56
N THR B 74 -8.52 8.98 -23.97
CA THR B 74 -8.23 10.34 -23.50
C THR B 74 -9.44 11.27 -23.53
N CYS B 75 -9.43 12.32 -22.66
CA CYS B 75 -10.44 13.37 -22.65
C CYS B 75 -9.81 14.69 -22.22
N ALA B 76 -10.43 15.83 -22.59
CA ALA B 76 -9.96 17.16 -22.26
C ALA B 76 -11.13 18.16 -22.25
N TRP B 77 -11.10 19.10 -21.28
CA TRP B 77 -12.13 20.13 -21.13
C TRP B 77 -11.76 21.43 -21.83
N THR B 78 -12.80 22.15 -22.29
CA THR B 78 -12.71 23.50 -22.85
C THR B 78 -14.02 24.25 -22.57
N TYR B 79 -14.16 25.45 -23.12
CA TYR B 79 -15.36 26.27 -22.98
C TYR B 79 -15.63 26.96 -24.31
N ASP B 80 -16.90 27.33 -24.54
CA ASP B 80 -17.34 28.06 -25.72
C ASP B 80 -16.87 29.50 -25.50
N SER B 81 -16.08 30.05 -26.45
CA SER B 81 -15.52 31.40 -26.35
C SER B 81 -16.56 32.54 -26.29
N ASN B 82 -17.83 32.28 -26.70
CA ASN B 82 -18.91 33.29 -26.67
C ASN B 82 -19.83 33.20 -25.45
N THR B 83 -20.17 31.97 -25.00
CA THR B 83 -21.10 31.77 -23.87
C THR B 83 -20.43 31.35 -22.56
N SER B 84 -19.15 30.89 -22.61
CA SER B 84 -18.35 30.37 -21.49
C SER B 84 -18.90 29.03 -20.97
N HIS B 85 -19.84 28.40 -21.74
CA HIS B 85 -20.43 27.10 -21.39
C HIS B 85 -19.40 25.98 -21.59
N PRO B 86 -19.32 24.98 -20.67
CA PRO B 86 -18.31 23.91 -20.82
C PRO B 86 -18.53 23.00 -22.02
N LEU B 87 -17.42 22.42 -22.51
CA LEU B 87 -17.39 21.45 -23.61
C LEU B 87 -16.36 20.37 -23.26
N LEU B 88 -16.62 19.13 -23.69
CA LEU B 88 -15.71 18.01 -23.41
C LEU B 88 -15.37 17.24 -24.69
N ALA B 89 -14.06 17.11 -24.99
CA ALA B 89 -13.57 16.36 -26.15
C ALA B 89 -13.07 14.99 -25.69
N VAL B 90 -13.39 13.94 -26.46
CA VAL B 90 -13.01 12.54 -26.16
C VAL B 90 -12.53 11.85 -27.43
N ALA B 91 -11.61 10.88 -27.30
CA ALA B 91 -11.07 10.09 -28.43
C ALA B 91 -10.40 8.80 -27.94
N GLY B 92 -10.21 7.86 -28.87
CA GLY B 92 -9.57 6.59 -28.57
C GLY B 92 -9.23 5.77 -29.79
N SER B 93 -9.47 4.43 -29.68
CA SER B 93 -9.14 3.42 -30.69
C SER B 93 -9.66 3.70 -32.09
N ARG B 94 -10.86 4.30 -32.24
CA ARG B 94 -11.44 4.56 -33.57
C ARG B 94 -10.79 5.72 -34.34
N GLY B 95 -9.99 6.53 -33.65
CA GLY B 95 -9.32 7.69 -34.25
C GLY B 95 -10.26 8.83 -34.60
N ILE B 96 -11.41 8.90 -33.91
CA ILE B 96 -12.43 9.92 -34.12
C ILE B 96 -12.51 10.83 -32.87
N ILE B 97 -12.51 12.15 -33.10
CA ILE B 97 -12.65 13.14 -32.02
C ILE B 97 -14.15 13.43 -31.87
N ARG B 98 -14.69 13.30 -30.66
CA ARG B 98 -16.09 13.61 -30.37
C ARG B 98 -16.16 14.78 -29.41
N ILE B 99 -16.98 15.79 -29.75
CA ILE B 99 -17.21 16.96 -28.91
C ILE B 99 -18.57 16.74 -28.25
N ILE B 100 -18.58 16.70 -26.90
CA ILE B 100 -19.77 16.44 -26.09
C ILE B 100 -20.20 17.69 -25.31
N ASN B 101 -21.53 17.95 -25.27
CA ASN B 101 -22.14 19.00 -24.47
C ASN B 101 -22.30 18.36 -23.06
N PRO B 102 -21.54 18.80 -22.03
CA PRO B 102 -21.63 18.14 -20.71
C PRO B 102 -22.94 18.32 -19.92
N ILE B 103 -23.78 19.29 -20.31
CA ILE B 103 -25.06 19.54 -19.63
C ILE B 103 -26.08 18.45 -20.00
N THR B 104 -26.20 18.14 -21.30
CA THR B 104 -27.14 17.17 -21.85
C THR B 104 -26.52 15.80 -22.15
N MET B 105 -25.17 15.71 -22.14
CA MET B 105 -24.36 14.51 -22.42
C MET B 105 -24.61 13.99 -23.87
N GLN B 106 -24.88 14.93 -24.79
CA GLN B 106 -25.12 14.66 -26.21
C GLN B 106 -23.93 15.09 -27.05
N CYS B 107 -23.64 14.31 -28.11
CA CYS B 107 -22.55 14.57 -29.05
C CYS B 107 -22.94 15.71 -30.00
N ILE B 108 -22.16 16.81 -29.96
CA ILE B 108 -22.36 18.00 -30.80
C ILE B 108 -21.84 17.73 -32.20
N LYS B 109 -20.57 17.31 -32.31
CA LYS B 109 -19.89 17.05 -33.59
C LYS B 109 -18.72 16.07 -33.44
N HIS B 110 -18.23 15.55 -34.57
CA HIS B 110 -17.09 14.64 -34.57
C HIS B 110 -16.16 14.87 -35.77
N TYR B 111 -14.85 14.75 -35.50
CA TYR B 111 -13.80 14.93 -36.50
C TYR B 111 -13.16 13.60 -36.85
N VAL B 112 -12.94 13.42 -38.15
CA VAL B 112 -12.33 12.23 -38.73
C VAL B 112 -11.08 12.73 -39.47
N GLY B 113 -10.06 11.89 -39.51
CA GLY B 113 -8.84 12.25 -40.22
C GLY B 113 -7.73 11.27 -39.94
N HIS B 114 -7.32 11.16 -38.65
CA HIS B 114 -6.27 10.22 -38.22
C HIS B 114 -6.64 8.82 -38.73
N GLY B 115 -5.67 8.13 -39.32
CA GLY B 115 -5.85 6.79 -39.85
C GLY B 115 -5.70 5.69 -38.82
N ASN B 116 -5.48 6.07 -37.56
CA ASN B 116 -5.31 5.14 -36.44
C ASN B 116 -5.74 5.81 -35.12
N ALA B 117 -5.66 5.09 -34.01
CA ALA B 117 -6.07 5.54 -32.69
C ALA B 117 -5.44 6.86 -32.24
N ILE B 118 -6.15 7.60 -31.38
CA ILE B 118 -5.67 8.86 -30.77
C ILE B 118 -5.30 8.53 -29.31
N ASN B 119 -4.05 8.83 -28.93
CA ASN B 119 -3.50 8.57 -27.59
C ASN B 119 -3.66 9.71 -26.60
N GLU B 120 -3.75 10.97 -27.09
CA GLU B 120 -3.92 12.13 -26.20
C GLU B 120 -4.58 13.31 -26.92
N LEU B 121 -5.35 14.10 -26.14
CA LEU B 121 -5.99 15.35 -26.56
C LEU B 121 -5.57 16.45 -25.57
N LYS B 122 -5.22 17.64 -26.09
CA LYS B 122 -4.85 18.79 -25.27
C LYS B 122 -5.38 20.08 -25.89
N PHE B 123 -6.01 20.93 -25.08
CA PHE B 123 -6.49 22.24 -25.54
C PHE B 123 -5.41 23.30 -25.26
N HIS B 124 -5.26 24.27 -26.20
CA HIS B 124 -4.32 25.39 -26.07
C HIS B 124 -4.60 26.18 -24.76
N PRO B 125 -3.56 26.57 -23.96
CA PRO B 125 -3.81 27.27 -22.69
C PRO B 125 -4.36 28.71 -22.80
N ARG B 126 -4.24 29.35 -23.99
CA ARG B 126 -4.71 30.74 -24.21
C ARG B 126 -5.76 30.89 -25.33
N ASP B 127 -6.13 29.77 -25.97
CA ASP B 127 -7.19 29.74 -26.99
C ASP B 127 -8.03 28.47 -26.83
N PRO B 128 -9.26 28.62 -26.27
CA PRO B 128 -10.12 27.44 -26.03
C PRO B 128 -10.57 26.67 -27.27
N ASN B 129 -10.47 27.29 -28.45
CA ASN B 129 -10.87 26.66 -29.73
C ASN B 129 -9.75 25.80 -30.37
N LEU B 130 -8.50 25.90 -29.87
CA LEU B 130 -7.38 25.16 -30.47
C LEU B 130 -7.11 23.82 -29.78
N LEU B 131 -7.43 22.73 -30.50
CA LEU B 131 -7.31 21.36 -30.02
C LEU B 131 -6.18 20.57 -30.68
N LEU B 132 -5.30 19.98 -29.86
CA LEU B 132 -4.17 19.15 -30.31
C LEU B 132 -4.48 17.66 -30.10
N SER B 133 -4.33 16.84 -31.16
CA SER B 133 -4.52 15.39 -31.07
C SER B 133 -3.19 14.66 -31.46
N VAL B 134 -2.84 13.54 -30.77
CA VAL B 134 -1.63 12.75 -31.04
C VAL B 134 -2.05 11.31 -31.35
N SER B 135 -1.47 10.72 -32.40
CA SER B 135 -1.96 9.45 -32.90
C SER B 135 -0.92 8.33 -33.14
N LYS B 136 -1.43 7.09 -33.21
CA LYS B 136 -0.67 5.91 -33.61
C LYS B 136 -0.21 6.02 -35.09
N ASP B 137 -0.79 6.98 -35.90
CA ASP B 137 -0.40 7.18 -37.30
C ASP B 137 0.96 7.92 -37.48
N HIS B 138 1.65 8.26 -36.35
CA HIS B 138 2.98 8.94 -36.26
C HIS B 138 2.90 10.47 -36.30
N ALA B 139 1.69 11.03 -36.33
CA ALA B 139 1.52 12.48 -36.46
C ALA B 139 0.73 13.11 -35.32
N LEU B 140 0.86 14.44 -35.21
CA LEU B 140 0.07 15.30 -34.34
C LEU B 140 -0.76 16.19 -35.31
N ARG B 141 -1.99 16.55 -34.92
CA ARG B 141 -2.88 17.45 -35.68
C ARG B 141 -3.40 18.57 -34.76
N LEU B 142 -3.44 19.81 -35.27
CA LEU B 142 -3.97 20.99 -34.59
C LEU B 142 -5.27 21.41 -35.28
N TRP B 143 -6.38 21.42 -34.53
CA TRP B 143 -7.72 21.73 -35.05
C TRP B 143 -8.30 23.02 -34.46
N ASN B 144 -9.13 23.72 -35.26
CA ASN B 144 -9.85 24.91 -34.78
C ASN B 144 -11.32 24.43 -34.72
N ILE B 145 -11.81 24.16 -33.51
CA ILE B 145 -13.15 23.60 -33.30
C ILE B 145 -14.28 24.66 -33.43
N GLN B 146 -13.95 25.95 -33.60
CA GLN B 146 -14.98 26.98 -33.83
C GLN B 146 -15.39 26.96 -35.30
N THR B 147 -14.40 26.91 -36.23
CA THR B 147 -14.62 26.91 -37.69
C THR B 147 -14.53 25.51 -38.33
N ASP B 148 -14.28 24.46 -37.51
CA ASP B 148 -14.15 23.05 -37.95
C ASP B 148 -13.05 22.88 -39.00
N THR B 149 -11.87 23.49 -38.76
CA THR B 149 -10.76 23.42 -39.72
C THR B 149 -9.53 22.72 -39.14
N LEU B 150 -8.76 22.07 -40.02
CA LEU B 150 -7.49 21.44 -39.67
C LEU B 150 -6.42 22.51 -39.92
N VAL B 151 -5.84 23.08 -38.84
CA VAL B 151 -4.84 24.16 -38.93
C VAL B 151 -3.48 23.66 -39.47
N ALA B 152 -2.98 22.55 -38.90
CA ALA B 152 -1.66 22.03 -39.22
C ALA B 152 -1.52 20.53 -38.93
N ILE B 153 -0.60 19.87 -39.64
CA ILE B 153 -0.22 18.47 -39.46
C ILE B 153 1.29 18.44 -39.19
N PHE B 154 1.67 17.84 -38.05
CA PHE B 154 3.06 17.77 -37.56
C PHE B 154 3.60 16.34 -37.76
N GLY B 155 4.37 16.16 -38.83
CA GLY B 155 4.93 14.86 -39.20
C GLY B 155 5.53 14.86 -40.59
N GLY B 156 6.35 13.86 -40.87
CA GLY B 156 7.03 13.72 -42.16
C GLY B 156 8.45 13.21 -41.99
N VAL B 157 9.36 13.59 -42.92
CA VAL B 157 10.76 13.13 -42.95
C VAL B 157 11.49 13.23 -41.58
N GLU B 158 11.31 14.36 -40.87
CA GLU B 158 11.94 14.53 -39.57
C GLU B 158 10.93 14.48 -38.40
N GLY B 159 9.72 13.99 -38.68
CA GLY B 159 8.70 13.80 -37.66
C GLY B 159 8.88 12.46 -36.97
N HIS B 160 7.93 12.07 -36.09
CA HIS B 160 8.01 10.77 -35.39
C HIS B 160 8.01 9.60 -36.38
N ARG B 161 8.80 8.55 -36.08
CA ARG B 161 8.96 7.35 -36.92
C ARG B 161 8.15 6.15 -36.40
N ASP B 162 7.36 6.37 -35.35
CA ASP B 162 6.49 5.35 -34.74
C ASP B 162 5.35 6.07 -33.98
N GLU B 163 4.44 5.28 -33.37
CA GLU B 163 3.25 5.78 -32.64
C GLU B 163 3.58 6.90 -31.64
N VAL B 164 2.81 8.01 -31.69
CA VAL B 164 2.98 9.15 -30.77
C VAL B 164 2.10 8.88 -29.55
N LEU B 165 2.67 8.99 -28.34
CA LEU B 165 1.98 8.64 -27.10
C LEU B 165 1.51 9.79 -26.24
N SER B 166 2.23 10.92 -26.27
CA SER B 166 1.90 12.07 -25.44
C SER B 166 2.40 13.38 -26.04
N ALA B 167 1.81 14.51 -25.62
CA ALA B 167 2.24 15.86 -25.98
C ALA B 167 1.72 16.89 -24.98
N ASP B 168 2.40 18.03 -24.89
CA ASP B 168 2.02 19.11 -23.96
C ASP B 168 2.42 20.46 -24.54
N TYR B 169 1.58 21.48 -24.30
CA TYR B 169 1.86 22.87 -24.65
C TYR B 169 2.64 23.44 -23.47
N ASP B 170 3.52 24.44 -23.71
CA ASP B 170 4.19 25.15 -22.60
C ASP B 170 3.14 26.12 -21.95
N LEU B 171 3.54 26.92 -20.97
CA LEU B 171 2.65 27.83 -20.21
C LEU B 171 1.76 28.74 -21.10
N LEU B 172 2.34 29.42 -22.09
CA LEU B 172 1.57 30.33 -22.96
C LEU B 172 1.06 29.72 -24.26
N GLY B 173 1.44 28.48 -24.54
CA GLY B 173 1.07 27.83 -25.79
C GLY B 173 1.85 28.38 -26.97
N GLU B 174 3.14 28.72 -26.76
CA GLU B 174 4.05 29.19 -27.81
C GLU B 174 4.74 28.00 -28.49
N LYS B 175 4.77 26.84 -27.81
CA LYS B 175 5.43 25.62 -28.31
C LYS B 175 4.85 24.34 -27.72
N ILE B 176 5.08 23.21 -28.41
CA ILE B 176 4.63 21.87 -28.04
C ILE B 176 5.83 20.92 -27.97
N MET B 177 5.86 20.00 -26.97
CA MET B 177 6.83 18.92 -26.88
C MET B 177 6.04 17.61 -27.01
N SER B 178 6.44 16.72 -27.94
CA SER B 178 5.77 15.43 -28.20
C SER B 178 6.75 14.26 -27.97
N CYS B 179 6.21 13.05 -27.72
CA CYS B 179 7.04 11.84 -27.47
C CYS B 179 6.32 10.55 -27.88
N GLY B 180 7.08 9.48 -28.12
CA GLY B 180 6.46 8.21 -28.48
C GLY B 180 7.33 6.96 -28.50
N MET B 181 6.87 5.95 -29.27
CA MET B 181 7.49 4.63 -29.42
C MET B 181 8.88 4.64 -30.07
N ASP B 182 9.23 5.71 -30.81
CA ASP B 182 10.54 5.82 -31.46
C ASP B 182 11.64 6.27 -30.46
N HIS B 183 11.29 6.41 -29.15
CA HIS B 183 12.16 6.83 -28.03
C HIS B 183 12.50 8.34 -28.09
N SER B 184 11.94 9.08 -29.06
CA SER B 184 12.32 10.48 -29.20
C SER B 184 11.35 11.47 -28.55
N LEU B 185 11.89 12.66 -28.24
CA LEU B 185 11.16 13.83 -27.73
C LEU B 185 11.42 14.94 -28.75
N LYS B 186 10.34 15.52 -29.32
CA LYS B 186 10.45 16.53 -30.38
C LYS B 186 9.73 17.85 -30.02
N LEU B 187 10.39 18.98 -30.34
CA LEU B 187 9.86 20.32 -30.10
C LEU B 187 9.23 20.92 -31.37
N TRP B 188 8.03 21.51 -31.25
CA TRP B 188 7.35 22.17 -32.39
C TRP B 188 6.92 23.59 -31.96
N ARG B 189 7.57 24.63 -32.53
CA ARG B 189 7.25 26.04 -32.21
C ARG B 189 6.01 26.47 -32.98
N ILE B 190 5.01 27.02 -32.28
CA ILE B 190 3.77 27.46 -32.94
C ILE B 190 3.57 28.99 -32.85
N ASN B 191 4.62 29.72 -32.42
CA ASN B 191 4.64 31.19 -32.33
C ASN B 191 5.45 31.80 -33.49
N SER B 192 5.76 30.98 -34.52
CA SER B 192 6.45 31.42 -35.72
C SER B 192 5.46 32.25 -36.55
N LYS B 193 5.96 33.10 -37.47
CA LYS B 193 5.13 33.91 -38.36
C LYS B 193 4.18 33.02 -39.17
N ARG B 194 4.70 31.86 -39.66
CA ARG B 194 3.96 30.84 -40.42
C ARG B 194 2.75 30.30 -39.62
N MET B 195 2.98 29.84 -38.38
CA MET B 195 1.93 29.25 -37.54
C MET B 195 0.91 30.29 -37.03
N MET B 196 1.40 31.51 -36.69
N MET B 196 1.38 31.51 -36.67
CA MET B 196 0.55 32.61 -36.23
CA MET B 196 0.47 32.57 -36.20
C MET B 196 -0.45 33.04 -37.31
C MET B 196 -0.48 33.04 -37.31
N ASN B 197 0.02 33.12 -38.57
CA ASN B 197 -0.80 33.49 -39.73
C ASN B 197 -1.80 32.37 -40.04
N ALA B 198 -1.37 31.09 -39.90
CA ALA B 198 -2.23 29.93 -40.16
C ALA B 198 -3.42 29.86 -39.17
N ILE B 199 -3.15 30.14 -37.88
CA ILE B 199 -4.19 30.18 -36.85
C ILE B 199 -5.20 31.33 -37.17
N LYS B 200 -4.67 32.52 -37.52
CA LYS B 200 -5.47 33.70 -37.89
C LYS B 200 -6.37 33.36 -39.11
N GLU B 201 -5.78 32.74 -40.14
CA GLU B 201 -6.52 32.35 -41.35
C GLU B 201 -7.59 31.28 -41.09
N SER B 202 -7.37 30.38 -40.09
CA SER B 202 -8.34 29.34 -39.73
C SER B 202 -9.63 29.96 -39.18
N TYR B 203 -9.53 31.15 -38.55
CA TYR B 203 -10.70 31.90 -38.05
C TYR B 203 -11.49 32.59 -39.17
N ASP B 204 -10.83 32.85 -40.32
CA ASP B 204 -11.46 33.50 -41.48
C ASP B 204 -12.12 32.48 -42.41
N ARG B 212 -7.49 32.03 -53.47
CA ARG B 212 -6.76 30.95 -52.79
C ARG B 212 -7.50 30.49 -51.52
N PRO B 213 -8.01 29.23 -51.47
CA PRO B 213 -8.71 28.76 -50.26
C PRO B 213 -7.76 28.51 -49.07
N PHE B 214 -8.32 28.20 -47.88
CA PHE B 214 -7.51 27.88 -46.72
C PHE B 214 -6.76 26.55 -46.95
N ILE B 215 -5.44 26.56 -46.78
CA ILE B 215 -4.59 25.38 -46.93
C ILE B 215 -3.89 25.04 -45.59
N SER B 216 -4.12 23.82 -45.06
CA SER B 216 -3.53 23.34 -43.81
C SER B 216 -1.99 23.32 -43.91
N GLN B 217 -1.30 23.67 -42.82
CA GLN B 217 0.17 23.66 -42.83
C GLN B 217 0.72 22.24 -42.68
N LYS B 218 1.75 21.92 -43.47
CA LYS B 218 2.42 20.61 -43.38
C LYS B 218 3.78 20.86 -42.77
N ILE B 219 3.88 20.60 -41.47
CA ILE B 219 5.11 20.81 -40.71
C ILE B 219 5.88 19.49 -40.69
N HIS B 220 6.92 19.37 -41.52
CA HIS B 220 7.73 18.15 -41.68
C HIS B 220 9.00 18.15 -40.83
N PHE B 221 9.38 19.32 -40.31
CA PHE B 221 10.59 19.52 -39.53
C PHE B 221 10.33 20.11 -38.13
N PRO B 222 10.74 19.39 -37.05
CA PRO B 222 10.60 19.96 -35.70
C PRO B 222 11.72 20.99 -35.43
N ASP B 223 11.58 21.77 -34.35
CA ASP B 223 12.54 22.80 -33.96
C ASP B 223 13.65 22.29 -33.01
N PHE B 224 13.56 21.01 -32.60
CA PHE B 224 14.52 20.29 -31.74
C PHE B 224 14.11 18.81 -31.66
N SER B 225 15.09 17.91 -31.56
CA SER B 225 14.83 16.47 -31.41
C SER B 225 15.95 15.79 -30.64
N THR B 226 15.58 14.82 -29.75
CA THR B 226 16.53 14.00 -28.97
C THR B 226 16.02 12.57 -28.77
N ARG B 227 16.95 11.59 -28.73
CA ARG B 227 16.69 10.18 -28.42
C ARG B 227 17.66 9.76 -27.29
N ASP B 228 18.28 10.75 -26.62
CA ASP B 228 19.29 10.58 -25.57
C ASP B 228 18.78 10.60 -24.12
N ILE B 229 17.46 10.67 -23.89
CA ILE B 229 16.91 10.72 -22.52
C ILE B 229 16.55 9.33 -21.99
N HIS B 230 15.75 8.58 -22.76
CA HIS B 230 15.26 7.25 -22.38
C HIS B 230 15.72 6.20 -23.41
N ARG B 231 15.68 4.90 -23.03
CA ARG B 231 16.08 3.78 -23.91
C ARG B 231 14.90 2.84 -24.28
N ASN B 232 13.65 3.32 -24.12
CA ASN B 232 12.41 2.59 -24.43
C ASN B 232 11.28 3.59 -24.77
N TYR B 233 10.02 3.11 -24.98
CA TYR B 233 8.84 3.92 -25.33
C TYR B 233 8.67 5.08 -24.33
N VAL B 234 8.52 6.34 -24.83
CA VAL B 234 8.32 7.52 -23.97
C VAL B 234 6.80 7.78 -23.96
N ASP B 235 6.12 7.48 -22.83
CA ASP B 235 4.66 7.53 -22.77
C ASP B 235 4.03 8.74 -22.05
N CYS B 236 4.82 9.69 -21.54
CA CYS B 236 4.27 10.89 -20.88
C CYS B 236 5.30 12.02 -20.89
N VAL B 237 4.86 13.24 -21.30
CA VAL B 237 5.70 14.45 -21.36
C VAL B 237 4.90 15.67 -20.89
N ARG B 238 5.51 16.50 -20.03
CA ARG B 238 4.92 17.74 -19.51
C ARG B 238 6.00 18.80 -19.36
N TRP B 239 5.65 20.09 -19.59
CA TRP B 239 6.55 21.22 -19.38
C TRP B 239 6.54 21.61 -17.89
N LEU B 240 7.70 22.03 -17.35
CA LEU B 240 7.85 22.56 -15.99
C LEU B 240 8.67 23.84 -16.19
N GLY B 241 7.96 24.93 -16.50
CA GLY B 241 8.58 26.19 -16.87
C GLY B 241 9.24 25.97 -18.22
N ASP B 242 10.54 26.28 -18.32
CA ASP B 242 11.34 26.05 -19.54
C ASP B 242 11.96 24.64 -19.55
N LEU B 243 11.74 23.86 -18.48
CA LEU B 243 12.26 22.50 -18.34
C LEU B 243 11.22 21.46 -18.78
N ILE B 244 11.67 20.22 -18.98
CA ILE B 244 10.80 19.12 -19.39
C ILE B 244 10.88 17.97 -18.38
N LEU B 245 9.74 17.35 -18.10
CA LEU B 245 9.62 16.14 -17.28
C LEU B 245 9.11 15.09 -18.27
N SER B 246 9.78 13.93 -18.33
CA SER B 246 9.34 12.83 -19.20
C SER B 246 9.67 11.46 -18.58
N LYS B 247 8.86 10.45 -18.91
CA LYS B 247 9.06 9.09 -18.40
C LYS B 247 8.92 8.03 -19.48
N SER B 248 9.59 6.89 -19.24
CA SER B 248 9.50 5.68 -20.05
C SER B 248 8.97 4.59 -19.07
N CYS B 249 9.26 3.30 -19.32
CA CYS B 249 8.84 2.19 -18.46
C CYS B 249 10.06 1.70 -17.64
N GLU B 250 10.99 2.62 -17.29
CA GLU B 250 12.24 2.30 -16.59
C GLU B 250 12.30 2.77 -15.12
N ASN B 251 11.12 2.96 -14.48
CA ASN B 251 10.91 3.34 -13.08
C ASN B 251 11.55 4.69 -12.67
N ALA B 252 11.50 5.69 -13.57
CA ALA B 252 11.99 7.05 -13.31
C ALA B 252 11.35 8.13 -14.21
N ILE B 253 11.10 9.32 -13.64
CA ILE B 253 10.68 10.52 -14.36
C ILE B 253 11.99 11.34 -14.45
N VAL B 254 12.39 11.73 -15.66
CA VAL B 254 13.63 12.49 -15.87
C VAL B 254 13.35 13.98 -16.11
N CYS B 255 14.04 14.86 -15.38
CA CYS B 255 13.96 16.31 -15.57
C CYS B 255 15.18 16.71 -16.40
N TRP B 256 14.92 17.30 -17.58
CA TRP B 256 15.97 17.68 -18.53
C TRP B 256 15.64 18.96 -19.30
N LYS B 257 16.61 19.46 -20.09
CA LYS B 257 16.44 20.64 -20.94
C LYS B 257 17.26 20.50 -22.24
N PRO B 258 16.77 21.06 -23.38
CA PRO B 258 17.57 21.03 -24.62
C PRO B 258 18.84 21.90 -24.46
N GLY B 259 19.91 21.50 -25.14
CA GLY B 259 21.19 22.21 -25.13
C GLY B 259 21.98 22.08 -23.85
N LYS B 260 23.01 22.93 -23.71
CA LYS B 260 23.90 22.99 -22.56
C LYS B 260 23.23 23.69 -21.38
N MET B 261 23.83 23.60 -20.17
CA MET B 261 23.30 24.15 -18.92
C MET B 261 22.80 25.60 -19.00
N GLU B 262 23.58 26.50 -19.62
CA GLU B 262 23.22 27.92 -19.73
C GLU B 262 22.50 28.33 -21.03
N ASP B 263 22.09 27.35 -21.86
CA ASP B 263 21.39 27.63 -23.12
C ASP B 263 19.91 27.97 -22.92
N ASP B 264 19.48 29.15 -23.39
CA ASP B 264 18.08 29.56 -23.29
C ASP B 264 17.25 28.79 -24.32
N ILE B 265 16.06 28.30 -23.90
CA ILE B 265 15.12 27.53 -24.73
C ILE B 265 14.76 28.24 -26.06
N ASP B 266 14.63 29.57 -26.05
CA ASP B 266 14.26 30.33 -27.24
C ASP B 266 15.47 30.66 -28.13
N LYS B 267 16.69 30.26 -27.71
CA LYS B 267 17.92 30.42 -28.50
C LYS B 267 18.33 29.09 -29.17
N ILE B 268 17.74 27.95 -28.73
CA ILE B 268 17.96 26.59 -29.25
C ILE B 268 17.65 26.54 -30.77
N LYS B 269 18.61 26.07 -31.58
CA LYS B 269 18.49 25.90 -33.03
C LYS B 269 18.05 24.45 -33.36
N PRO B 270 17.41 24.16 -34.53
CA PRO B 270 17.00 22.75 -34.81
C PRO B 270 18.13 21.73 -34.92
N SER B 271 19.37 22.21 -35.15
CA SER B 271 20.58 21.37 -35.26
C SER B 271 21.22 21.03 -33.89
N GLU B 272 20.67 21.56 -32.78
CA GLU B 272 21.16 21.33 -31.41
C GLU B 272 21.34 19.82 -31.11
N SER B 273 22.59 19.41 -30.86
CA SER B 273 22.97 18.02 -30.60
C SER B 273 23.00 17.64 -29.11
N ASN B 274 23.08 18.63 -28.20
CA ASN B 274 23.16 18.39 -26.75
C ASN B 274 21.85 18.50 -25.97
N VAL B 275 21.83 17.86 -24.79
CA VAL B 275 20.78 17.87 -23.76
C VAL B 275 21.49 17.92 -22.39
N THR B 276 20.81 18.45 -21.37
CA THR B 276 21.33 18.51 -20.00
C THR B 276 20.35 17.82 -19.04
N ILE B 277 20.83 16.81 -18.27
CA ILE B 277 20.00 16.11 -17.27
C ILE B 277 20.11 16.89 -15.97
N LEU B 278 18.96 17.29 -15.41
CA LEU B 278 18.91 18.11 -14.20
C LEU B 278 18.54 17.33 -12.93
N GLY B 279 17.92 16.16 -13.11
CA GLY B 279 17.53 15.29 -12.01
C GLY B 279 16.58 14.19 -12.41
N ARG B 280 16.27 13.30 -11.44
CA ARG B 280 15.36 12.17 -11.63
C ARG B 280 14.53 11.88 -10.40
N PHE B 281 13.25 11.50 -10.62
CA PHE B 281 12.31 11.08 -9.57
C PHE B 281 12.21 9.55 -9.68
N ASP B 282 12.82 8.83 -8.72
CA ASP B 282 12.84 7.36 -8.70
C ASP B 282 11.66 6.75 -7.95
N TYR B 283 11.19 5.58 -8.42
CA TYR B 283 10.06 4.84 -7.85
C TYR B 283 10.13 3.35 -8.23
N SER B 284 9.12 2.56 -7.82
CA SER B 284 9.10 1.11 -8.05
C SER B 284 7.79 0.62 -8.68
N GLN B 285 7.86 -0.59 -9.29
CA GLN B 285 6.73 -1.31 -9.87
C GLN B 285 5.79 -0.45 -10.77
N CYS B 286 6.38 0.28 -11.73
CA CYS B 286 5.68 1.07 -12.77
C CYS B 286 6.52 0.91 -14.06
N ASP B 287 6.70 -0.36 -14.47
CA ASP B 287 7.50 -0.75 -15.63
C ASP B 287 6.68 -1.32 -16.80
N ILE B 288 5.37 -1.04 -16.82
CA ILE B 288 4.45 -1.43 -17.89
C ILE B 288 4.17 -0.18 -18.75
N TRP B 289 3.85 -0.38 -20.04
CA TRP B 289 3.50 0.72 -20.94
C TRP B 289 2.12 1.31 -20.57
N TYR B 290 1.91 2.60 -20.88
CA TYR B 290 0.68 3.38 -20.73
C TYR B 290 0.33 3.74 -19.27
N MET B 291 1.19 4.56 -18.64
CA MET B 291 1.01 5.03 -17.25
C MET B 291 1.36 6.53 -17.24
N ARG B 292 0.37 7.40 -16.93
CA ARG B 292 0.55 8.87 -16.92
C ARG B 292 0.87 9.46 -15.56
N PHE B 293 1.73 10.49 -15.56
CA PHE B 293 1.99 11.29 -14.38
C PHE B 293 1.21 12.62 -14.56
N SER B 294 0.94 13.34 -13.47
CA SER B 294 0.19 14.60 -13.49
C SER B 294 0.74 15.62 -12.50
N MET B 295 0.50 16.91 -12.76
CA MET B 295 0.88 18.02 -11.87
C MET B 295 -0.36 18.87 -11.54
N ASP B 296 -0.33 19.57 -10.39
CA ASP B 296 -1.43 20.46 -10.02
C ASP B 296 -1.30 21.81 -10.77
N PHE B 297 -2.28 22.72 -10.63
CA PHE B 297 -2.33 23.99 -11.35
C PHE B 297 -1.05 24.86 -11.22
N TRP B 298 -0.49 24.97 -10.01
CA TRP B 298 0.70 25.77 -9.73
C TRP B 298 2.02 25.02 -9.93
N GLN B 299 1.94 23.70 -10.18
CA GLN B 299 3.10 22.80 -10.35
C GLN B 299 3.96 22.76 -9.07
N LYS B 300 3.26 22.67 -7.92
CA LYS B 300 3.87 22.57 -6.60
C LYS B 300 3.89 21.09 -6.20
N MET B 301 3.10 20.25 -6.89
CA MET B 301 3.01 18.82 -6.65
C MET B 301 3.01 18.01 -7.95
N LEU B 302 3.56 16.80 -7.87
CA LEU B 302 3.66 15.83 -8.97
C LEU B 302 3.12 14.49 -8.46
N ALA B 303 2.26 13.82 -9.26
CA ALA B 303 1.66 12.53 -8.88
C ALA B 303 1.78 11.48 -9.97
N LEU B 304 1.99 10.22 -9.58
CA LEU B 304 2.08 9.07 -10.49
C LEU B 304 1.66 7.81 -9.75
N GLY B 305 0.77 7.06 -10.39
CA GLY B 305 0.30 5.77 -9.87
C GLY B 305 1.15 4.65 -10.42
N ASN B 306 1.23 3.52 -9.67
CA ASN B 306 2.01 2.36 -10.10
C ASN B 306 1.08 1.17 -10.46
N GLN B 307 1.66 0.06 -10.97
CA GLN B 307 0.90 -1.09 -11.45
C GLN B 307 0.26 -1.96 -10.34
N VAL B 308 0.55 -1.70 -9.04
CA VAL B 308 -0.04 -2.47 -7.93
C VAL B 308 -0.91 -1.59 -6.97
N GLY B 309 -1.43 -0.47 -7.47
CA GLY B 309 -2.32 0.42 -6.73
C GLY B 309 -1.71 1.39 -5.73
N LYS B 310 -0.39 1.68 -5.83
CA LYS B 310 0.27 2.66 -4.96
C LYS B 310 0.35 4.01 -5.68
N LEU B 311 0.10 5.11 -4.94
CA LEU B 311 0.11 6.46 -5.51
C LEU B 311 1.30 7.24 -4.95
N TYR B 312 2.23 7.67 -5.82
CA TYR B 312 3.41 8.44 -5.42
C TYR B 312 3.12 9.93 -5.59
N VAL B 313 3.49 10.76 -4.60
CA VAL B 313 3.29 12.22 -4.63
C VAL B 313 4.59 12.93 -4.21
N TRP B 314 5.10 13.86 -5.04
CA TRP B 314 6.30 14.64 -4.75
C TRP B 314 6.00 16.13 -4.58
N ASP B 315 6.66 16.77 -3.61
CA ASP B 315 6.55 18.20 -3.34
C ASP B 315 7.61 18.90 -4.21
N LEU B 316 7.19 19.64 -5.25
CA LEU B 316 8.10 20.33 -6.17
C LEU B 316 8.67 21.65 -5.61
N GLU B 317 8.17 22.11 -4.44
CA GLU B 317 8.65 23.35 -3.83
C GLU B 317 10.01 23.21 -3.14
N CYS B 326 9.17 12.35 -1.10
CA CYS B 326 8.16 11.47 -1.69
C CYS B 326 7.24 10.86 -0.64
N THR B 327 5.92 10.86 -0.92
CA THR B 327 4.89 10.28 -0.07
C THR B 327 4.18 9.20 -0.87
N THR B 328 3.95 8.03 -0.24
CA THR B 328 3.27 6.91 -0.89
C THR B 328 1.86 6.75 -0.26
N LEU B 329 0.80 6.91 -1.09
CA LEU B 329 -0.59 6.78 -0.67
C LEU B 329 -1.10 5.39 -1.04
N THR B 330 -1.53 4.61 -0.03
CA THR B 330 -2.02 3.24 -0.20
C THR B 330 -3.34 2.99 0.54
N HIS B 331 -4.13 2.03 0.04
CA HIS B 331 -5.39 1.56 0.65
C HIS B 331 -5.44 0.05 0.46
N HIS B 332 -5.87 -0.70 1.50
CA HIS B 332 -5.91 -2.18 1.46
C HIS B 332 -6.82 -2.74 0.34
N LYS B 333 -7.81 -1.96 -0.14
CA LYS B 333 -8.72 -2.36 -1.21
C LYS B 333 -8.27 -1.89 -2.62
N CYS B 334 -7.21 -1.07 -2.70
CA CYS B 334 -6.67 -0.55 -3.96
C CYS B 334 -5.41 -1.34 -4.40
N GLY B 335 -5.62 -2.32 -5.29
CA GLY B 335 -4.55 -3.20 -5.77
C GLY B 335 -4.28 -3.24 -7.26
N ALA B 336 -5.16 -2.62 -8.08
CA ALA B 336 -5.02 -2.61 -9.55
C ALA B 336 -4.22 -1.40 -10.06
N ALA B 337 -3.64 -1.52 -11.26
CA ALA B 337 -2.81 -0.46 -11.90
C ALA B 337 -3.55 0.88 -11.99
N ILE B 338 -2.92 1.99 -11.49
CA ILE B 338 -3.48 3.35 -11.56
C ILE B 338 -2.96 3.98 -12.87
N ARG B 339 -3.84 4.08 -13.88
CA ARG B 339 -3.49 4.59 -15.22
C ARG B 339 -3.27 6.12 -15.29
N GLN B 340 -4.10 6.91 -14.60
CA GLN B 340 -3.99 8.38 -14.59
C GLN B 340 -4.62 8.95 -13.31
N THR B 341 -4.14 10.12 -12.91
CA THR B 341 -4.60 10.88 -11.75
C THR B 341 -4.89 12.33 -12.17
N SER B 342 -5.67 13.05 -11.37
CA SER B 342 -6.01 14.45 -11.61
C SER B 342 -6.24 15.18 -10.29
N PHE B 343 -5.62 16.36 -10.14
CA PHE B 343 -5.81 17.24 -8.99
C PHE B 343 -6.95 18.21 -9.31
N SER B 344 -7.72 18.61 -8.27
CA SER B 344 -8.73 19.65 -8.41
C SER B 344 -7.94 20.96 -8.57
N ARG B 345 -8.55 22.04 -9.13
CA ARG B 345 -7.86 23.32 -9.34
C ARG B 345 -7.17 23.89 -8.07
N ASP B 346 -7.81 23.74 -6.89
CA ASP B 346 -7.24 24.25 -5.63
C ASP B 346 -6.25 23.26 -4.96
N SER B 347 -5.96 22.10 -5.60
CA SER B 347 -5.06 21.01 -5.16
C SER B 347 -5.49 20.32 -3.84
N SER B 348 -6.74 20.54 -3.40
CA SER B 348 -7.26 19.95 -2.15
C SER B 348 -7.77 18.51 -2.36
N ILE B 349 -8.05 18.13 -3.63
CA ILE B 349 -8.55 16.79 -3.97
C ILE B 349 -7.68 16.16 -5.07
N LEU B 350 -7.39 14.85 -4.94
CA LEU B 350 -6.64 14.05 -5.91
C LEU B 350 -7.43 12.78 -6.19
N ILE B 351 -7.82 12.59 -7.47
CA ILE B 351 -8.58 11.42 -7.95
C ILE B 351 -7.66 10.49 -8.72
N ALA B 352 -7.77 9.18 -8.49
CA ALA B 352 -7.00 8.13 -9.19
C ALA B 352 -7.99 7.14 -9.83
N VAL B 353 -7.72 6.70 -11.08
CA VAL B 353 -8.58 5.73 -11.80
C VAL B 353 -7.75 4.47 -12.16
N CYS B 354 -8.39 3.29 -12.10
CA CYS B 354 -7.70 2.00 -12.22
C CYS B 354 -8.22 1.05 -13.31
N ASP B 355 -7.39 -0.02 -13.56
CA ASP B 355 -7.66 -1.11 -14.50
C ASP B 355 -8.91 -1.95 -14.15
N ASP B 356 -9.35 -1.96 -12.87
CA ASP B 356 -10.51 -2.72 -12.41
C ASP B 356 -11.79 -1.86 -12.34
N ALA B 357 -11.81 -0.70 -13.06
CA ALA B 357 -12.90 0.28 -13.15
C ALA B 357 -13.18 1.04 -11.85
N SER B 358 -12.22 1.05 -10.91
CA SER B 358 -12.39 1.75 -9.64
C SER B 358 -11.84 3.18 -9.66
N ILE B 359 -12.49 4.07 -8.87
CA ILE B 359 -12.17 5.50 -8.70
C ILE B 359 -11.84 5.74 -7.23
N TRP B 360 -10.73 6.45 -6.94
CA TRP B 360 -10.27 6.70 -5.57
C TRP B 360 -10.11 8.20 -5.30
N ARG B 361 -10.74 8.69 -4.21
CA ARG B 361 -10.69 10.10 -3.81
C ARG B 361 -9.84 10.33 -2.56
N TRP B 362 -8.78 11.15 -2.72
CA TRP B 362 -7.85 11.52 -1.66
C TRP B 362 -8.01 13.02 -1.39
N ASP B 363 -8.29 13.39 -0.13
CA ASP B 363 -8.47 14.78 0.29
C ASP B 363 -7.32 15.25 1.19
N ARG B 364 -6.79 16.46 0.89
CA ARG B 364 -5.68 17.07 1.61
C ARG B 364 -6.13 17.65 2.94
C1 L9W C . 7.58 -14.01 3.98
C2 L9W C . 6.74 -13.20 4.75
C3 L9W C . 6.14 -13.72 5.88
C4 L9W C . 6.36 -15.05 6.27
C5 L9W C . 7.20 -15.85 5.48
C6 L9W C . 7.82 -15.33 4.35
C7 L9W C . 5.75 -15.58 7.52
C8 L9W C . 5.89 -14.88 8.72
C11 L9W C . 3.80 -18.35 8.56
C12 L9W C . 4.29 -16.01 12.39
C15 L9W C . 1.12 -13.88 12.59
C16 L9W C . 1.63 -12.57 12.62
C17 L9W C . 3.01 -12.41 12.54
C18 L9W C . 3.88 -13.50 12.47
C19 L9W C . 5.30 -13.01 12.39
O1 L9W C . 8.96 -14.43 1.82
S L9W C . 8.37 -13.34 2.55
O L9W C . 7.43 -12.50 1.86
C L9W C . 9.66 -12.34 3.19
C10 L9W C . 5.02 -16.81 7.58
N2 L9W C . 4.68 -17.72 6.67
N3 L9W C . 3.89 -18.69 7.30
N1 L9W C . 4.49 -17.19 8.80
C9 L9W C . 4.67 -16.40 10.00
N L9W C . 5.38 -15.27 9.94
N4 L9W C . 4.15 -16.79 11.18
C13 L9W C . 3.37 -14.81 12.46
C20 L9W C . 5.11 -11.49 12.42
O2 L9W C . 3.69 -11.22 12.53
C14 L9W C . 1.99 -14.97 12.52
C1 GOL D . -6.48 19.97 -16.19
O1 GOL D . -6.36 19.51 -17.53
C2 GOL D . -6.54 18.83 -15.20
O2 GOL D . -7.62 17.96 -15.54
C3 GOL D . -5.25 18.04 -15.16
O3 GOL D . -5.42 16.83 -14.42
C1 EJR E . -4.53 2.24 -23.01
C1 EJR E . -3.95 2.34 -22.81
C2 EJR E . -4.33 1.15 -23.88
C2 EJR E . -3.87 1.24 -23.68
C3 EJR E . -3.84 1.45 -25.18
C3 EJR E . -3.55 1.54 -25.05
C11 EJR E . -4.73 -0.23 -23.48
C11 EJR E . -4.01 -0.14 -23.16
C12 EJR E . -5.74 -0.85 -24.21
C12 EJR E . -3.12 -0.59 -22.18
C13 EJR E . -6.13 -2.15 -23.89
C13 EJR E . -3.22 -1.88 -21.70
C14 EJR E . -5.48 -2.78 -22.85
C14 EJR E . -4.21 -2.70 -22.21
C16 EJR E . -4.10 -0.97 -22.43
C16 EJR E . -4.99 -1.06 -23.63
C17 EJR E . -3.57 6.20 -23.94
C17 EJR E . -3.52 6.34 -23.87
C18 EJR E . -2.33 6.40 -23.08
C18 EJR E . -2.26 6.52 -23.04
C19 EJR E . -2.43 6.25 -21.68
C19 EJR E . -2.31 6.35 -21.65
C20 EJR E . -1.32 6.46 -20.88
C20 EJR E . -1.16 6.54 -20.89
C21 EJR E . -0.09 6.85 -21.41
C21 EJR E . 0.05 6.88 -21.45
C22 EJR E . 0.02 7.00 -22.78
C22 EJR E . 0.12 7.05 -22.82
C23 EJR E . -1.09 6.79 -23.57
C23 EJR E . -1.02 6.85 -23.58
C24 EJR E . -3.60 5.87 -20.82
C24 EJR E . -3.47 6.00 -20.75
C25 EJR E . -3.00 5.87 -19.42
C25 EJR E . -2.82 5.98 -19.38
C28 EJR E . -2.99 -0.44 -21.58
C28 EJR E . -6.02 -0.73 -24.68
N4 EJR E . -3.53 2.76 -25.49
N4 EJR E . -3.42 2.87 -25.41
C5 EJR E . -3.73 3.81 -24.53
C5 EJR E . -3.57 3.94 -24.45
N6 EJR E . -4.20 3.55 -23.31
N6 EJR E . -3.82 3.66 -23.18
N7 EJR E . -3.58 0.69 -26.25
N7 EJR E . -3.39 0.79 -26.13
N8 EJR E . -3.08 1.53 -27.24
N8 EJR E . -3.16 1.64 -27.21
C9 EJR E . -3.08 2.75 -26.78
C9 EJR E . -3.18 2.86 -26.76
N10 EJR E . -3.39 5.08 -24.86
N10 EJR E . -3.40 5.22 -24.82
N15 EJR E . -4.50 -2.22 -22.14
N15 EJR E . -5.08 -2.31 -23.15
O26 EJR E . -1.59 6.26 -19.55
O26 EJR E . -1.41 6.34 -19.54
F27 EJR E . -0.96 6.93 -24.91
F27 EJR E . -0.92 6.99 -24.93
#